data_1N54
#
_entry.id   1N54
#
_cell.length_a   111.770
_cell.length_b   111.770
_cell.length_c   175.730
_cell.angle_alpha   90.00
_cell.angle_beta   90.00
_cell.angle_gamma   120.00
#
_symmetry.space_group_name_H-M   'P 32 2 1'
#
loop_
_entity.id
_entity.type
_entity.pdbx_description
1 polymer '80 kDa nuclear cap binding protein'
2 polymer '20 kDa nuclear cap binding protein'
3 non-polymer GLYCEROL
4 water water
#
loop_
_entity_poly.entity_id
_entity_poly.type
_entity_poly.pdbx_seq_one_letter_code
_entity_poly.pdbx_strand_id
1 'polypeptide(L)'
;MSRRRHSDENDGGQPHKRRKTSDANETEDHLESLICKVGEKSACSLESNLEGLAGVLEADLPNYKSKILRLLCTVARLLP
EKLTIYTTLVGLLNARNYNFGGEFVEAMIRQLKESLKANNYNEAVYLVRFLSDLVNCHVIAAPSMVAMFENFVSVTQEED
VPQVRRDWYVYAFLSSLPWVGKELYEKKDAEMDRIFANTESYLKRRQKTHVPMLQVWTADKPHPQEEYLDCLWAQIQKLK
KDRWQERHILRPYLAFDSILCEALQHNLPPFTPPPHTEDSVYPMPRVIFRMFDYTDDPEGPVMPGSHSVERFVIEENLHC
IIKSHWKERKTCAAQLVSYPGKNKIPLNYHIVEVIFAELFQLPAPPHIDVMYTTLLIELCKLQPGSLPQVLAQATEMLYM
RLDTMNTTCVDRFINWFSHHLSNFQFRWSWEDWSDCLSQDPESPKPKFVREVLEKCMRLSYHQRILDIVPPTFSALCPAN
PTCIYKYGDESSNSLPGHSVALCLAVAFKSKATNDEIFSILKDVPNPNQDDDDDEGFSFNPLKIEVFVQTLLHLAAKSFS
HSFSALAKFHEVFKTLAESDEGKLHVLRVMFEVWRNHPQMIAVLVDKMIRTQIVDCAAVANWIFSSELSRDFTRLFVWEI
LHSTIRKMNKHVLKIQKELEEAKEKLARQHKRRSDDDDRSSDRKDGVLEEQIERLQEKVESAQSEQKNLFLVIFQRFIMI
LTEHLVRCETDGTSVLTPWYKNCIERLQQIFLQHHQIIQQYMVTLENLLFTAELDPHILAVFQQFCALQA
;
A
2 'polypeptide(L)'
;MSGGLLKALRSDSYVELSQYRDQHFRGDNEEQEKLLKKSCTLYVGNLSFYTTEEQIYELFSKSGDIKKIIMGLDKMKKTA
CGFCFVEYYSRADAENAMRYINGTRLDDRIIRTDWDAGFKEGRQYGRGRSGGQVRDEYRQDYDAGRGGYGKLAQNQ
;
B
#
loop_
_chem_comp.id
_chem_comp.type
_chem_comp.name
_chem_comp.formula
GOL non-polymer GLYCEROL 'C3 H8 O3'
#
# COMPACT_ATOMS: atom_id res chain seq x y z
N ALA A 24 25.06 -5.71 -32.94
CA ALA A 24 24.72 -4.74 -34.03
C ALA A 24 23.35 -4.04 -33.78
N ASN A 25 22.78 -4.26 -32.59
CA ASN A 25 21.50 -3.66 -32.19
C ASN A 25 21.67 -2.24 -31.64
N GLU A 26 22.78 -1.58 -32.01
CA GLU A 26 23.08 -0.22 -31.55
C GLU A 26 22.00 0.74 -32.03
N THR A 27 21.34 0.32 -33.11
CA THR A 27 20.25 1.06 -33.73
C THR A 27 18.95 0.88 -32.95
N GLU A 28 18.81 -0.29 -32.32
CA GLU A 28 17.61 -0.63 -31.53
C GLU A 28 17.64 0.12 -30.19
N ASP A 29 18.86 0.37 -29.68
CA ASP A 29 19.08 1.11 -28.43
C ASP A 29 18.84 2.61 -28.70
N HIS A 30 19.51 3.17 -29.70
CA HIS A 30 19.33 4.58 -30.00
C HIS A 30 17.89 4.98 -30.28
N LEU A 31 17.14 4.07 -30.88
CA LEU A 31 15.76 4.34 -31.20
C LEU A 31 14.95 4.46 -29.90
N GLU A 32 14.96 3.40 -29.09
CA GLU A 32 14.20 3.41 -27.84
C GLU A 32 14.45 4.70 -27.06
N SER A 33 15.67 5.22 -27.20
CA SER A 33 16.11 6.44 -26.55
C SER A 33 15.43 7.64 -27.19
N LEU A 34 15.60 7.76 -28.49
CA LEU A 34 15.01 8.86 -29.23
C LEU A 34 13.50 8.88 -29.08
N ILE A 35 12.91 7.70 -28.91
CA ILE A 35 11.47 7.65 -28.74
C ILE A 35 11.11 8.39 -27.46
N CYS A 36 11.74 8.01 -26.36
CA CYS A 36 11.50 8.62 -25.06
C CYS A 36 11.96 10.06 -24.95
N LYS A 37 13.17 10.31 -25.42
CA LYS A 37 13.73 11.66 -25.38
C LYS A 37 12.83 12.81 -25.86
N VAL A 38 11.80 12.53 -26.68
CA VAL A 38 10.90 13.58 -27.15
C VAL A 38 9.92 14.01 -26.07
N GLY A 39 9.27 13.03 -25.44
CA GLY A 39 8.32 13.36 -24.38
C GLY A 39 9.05 14.06 -23.23
N GLU A 40 10.26 13.62 -22.94
CA GLU A 40 11.07 14.20 -21.86
C GLU A 40 11.41 15.64 -22.21
N LYS A 41 11.63 16.45 -21.17
CA LYS A 41 11.96 17.86 -21.33
C LYS A 41 13.09 18.03 -22.32
N SER A 42 13.26 19.25 -22.80
CA SER A 42 14.31 19.58 -23.76
C SER A 42 14.59 21.08 -23.80
N ALA A 43 15.56 21.45 -24.62
CA ALA A 43 15.95 22.86 -24.78
C ALA A 43 15.46 23.37 -26.13
N CYS A 44 14.37 22.78 -26.61
CA CYS A 44 13.75 23.11 -27.91
C CYS A 44 12.24 22.79 -27.82
N SER A 45 11.44 23.30 -28.77
CA SER A 45 9.97 23.07 -28.80
C SER A 45 9.61 21.63 -29.05
N LEU A 46 8.55 21.17 -28.40
CA LEU A 46 8.12 19.79 -28.56
C LEU A 46 7.83 19.46 -30.04
N GLU A 47 7.38 20.47 -30.78
CA GLU A 47 7.08 20.34 -32.20
C GLU A 47 8.30 19.88 -33.02
N SER A 48 9.41 20.60 -32.87
CA SER A 48 10.65 20.27 -33.57
C SER A 48 11.09 18.83 -33.29
N ASN A 49 11.03 18.44 -32.02
CA ASN A 49 11.42 17.10 -31.60
C ASN A 49 10.57 16.03 -32.26
N LEU A 50 9.29 16.33 -32.41
CA LEU A 50 8.39 15.39 -33.05
C LEU A 50 8.70 15.40 -34.56
N GLU A 51 8.77 16.60 -35.15
CA GLU A 51 9.07 16.73 -36.58
C GLU A 51 10.38 16.03 -36.89
N GLY A 52 11.41 16.36 -36.10
CA GLY A 52 12.70 15.75 -36.31
C GLY A 52 12.60 14.25 -36.17
N LEU A 53 11.98 13.79 -35.10
CA LEU A 53 11.86 12.36 -34.89
C LEU A 53 11.13 11.67 -36.04
N ALA A 54 10.29 12.44 -36.72
CA ALA A 54 9.52 11.92 -37.84
C ALA A 54 10.39 11.34 -38.97
N GLY A 55 11.18 12.19 -39.62
CA GLY A 55 12.03 11.75 -40.71
C GLY A 55 13.03 10.69 -40.27
N VAL A 56 13.37 10.74 -38.99
CA VAL A 56 14.31 9.80 -38.46
C VAL A 56 13.74 8.40 -38.50
N LEU A 57 12.54 8.26 -37.96
CA LEU A 57 11.87 6.99 -37.93
C LEU A 57 11.43 6.55 -39.33
N GLU A 58 10.93 7.50 -40.12
CA GLU A 58 10.48 7.21 -41.46
C GLU A 58 11.66 6.70 -42.29
N ALA A 59 12.79 7.42 -42.16
CA ALA A 59 14.02 7.09 -42.85
C ALA A 59 14.48 5.69 -42.43
N ASP A 60 13.92 5.20 -41.32
CA ASP A 60 14.31 3.91 -40.78
C ASP A 60 13.27 2.82 -40.88
N LEU A 61 12.22 3.07 -41.66
CA LEU A 61 11.16 2.10 -41.86
C LEU A 61 11.65 1.07 -42.86
N PRO A 62 12.13 1.52 -44.03
CA PRO A 62 12.60 0.49 -44.95
C PRO A 62 13.70 -0.15 -44.17
N ASN A 63 14.55 0.69 -43.58
CA ASN A 63 15.62 0.18 -42.76
C ASN A 63 15.03 -0.24 -41.41
N TYR A 64 14.25 -1.31 -41.57
CA TYR A 64 13.52 -2.10 -40.59
C TYR A 64 12.59 -1.45 -39.54
N LYS A 65 11.32 -1.65 -39.88
CA LYS A 65 10.06 -1.23 -39.26
C LYS A 65 9.81 -1.87 -37.90
N SER A 66 9.58 -3.19 -37.91
CA SER A 66 9.30 -4.02 -36.75
C SER A 66 9.66 -3.44 -35.38
N LYS A 67 10.85 -2.87 -35.27
CA LYS A 67 11.22 -2.31 -34.01
C LYS A 67 10.37 -1.06 -33.69
N ILE A 68 10.38 -0.06 -34.59
CA ILE A 68 9.62 1.20 -34.38
C ILE A 68 8.11 0.98 -34.16
N LEU A 69 7.68 -0.24 -34.43
CA LEU A 69 6.29 -0.66 -34.28
C LEU A 69 6.09 -1.12 -32.81
N ARG A 70 6.84 -2.15 -32.41
CA ARG A 70 6.77 -2.68 -31.04
C ARG A 70 7.25 -1.65 -30.03
N LEU A 71 7.72 -0.52 -30.53
CA LEU A 71 8.20 0.55 -29.67
C LEU A 71 7.11 1.55 -29.39
N LEU A 72 6.48 2.02 -30.46
CA LEU A 72 5.43 2.99 -30.28
C LEU A 72 4.24 2.39 -29.54
N CYS A 73 4.06 1.09 -29.68
CA CYS A 73 2.97 0.44 -28.97
C CYS A 73 3.25 0.45 -27.47
N THR A 74 4.51 0.25 -27.09
CA THR A 74 4.82 0.23 -25.69
C THR A 74 4.55 1.62 -25.10
N VAL A 75 5.04 2.65 -25.74
CA VAL A 75 4.82 3.98 -25.20
C VAL A 75 3.32 4.27 -25.09
N ALA A 76 2.52 3.56 -25.88
CA ALA A 76 1.09 3.80 -25.88
C ALA A 76 0.43 3.31 -24.61
N ARG A 77 1.00 2.25 -24.03
CA ARG A 77 0.49 1.68 -22.79
C ARG A 77 1.23 2.16 -21.54
N LEU A 78 2.55 1.98 -21.50
CA LEU A 78 3.37 2.33 -20.33
C LEU A 78 3.77 3.80 -20.12
N LEU A 79 3.26 4.68 -20.96
CA LEU A 79 3.58 6.10 -20.82
C LEU A 79 2.37 6.98 -21.11
N PRO A 80 1.31 6.83 -20.29
CA PRO A 80 0.06 7.58 -20.39
C PRO A 80 0.25 9.06 -20.21
N GLU A 81 0.99 9.45 -19.17
CA GLU A 81 1.23 10.85 -18.87
C GLU A 81 1.77 11.58 -20.10
N LYS A 82 2.34 10.83 -21.03
CA LYS A 82 2.89 11.44 -22.24
C LYS A 82 2.01 11.14 -23.47
N LEU A 83 0.80 10.67 -23.21
CA LEU A 83 -0.22 10.34 -24.22
C LEU A 83 -0.19 11.17 -25.52
N THR A 84 -0.89 12.29 -25.49
CA THR A 84 -1.00 13.17 -26.63
C THR A 84 0.28 13.35 -27.45
N ILE A 85 1.43 13.41 -26.78
CA ILE A 85 2.70 13.62 -27.49
C ILE A 85 3.03 12.50 -28.48
N TYR A 86 2.83 11.26 -28.06
CA TYR A 86 3.14 10.11 -28.90
C TYR A 86 2.03 9.82 -29.89
N THR A 87 0.82 10.25 -29.59
CA THR A 87 -0.24 10.03 -30.57
C THR A 87 0.14 10.87 -31.80
N THR A 88 0.66 12.08 -31.53
CA THR A 88 1.07 13.00 -32.59
C THR A 88 2.22 12.42 -33.41
N LEU A 89 3.22 11.89 -32.72
CA LEU A 89 4.33 11.30 -33.41
C LEU A 89 3.73 10.33 -34.41
N VAL A 90 2.87 9.43 -33.91
CA VAL A 90 2.26 8.44 -34.78
C VAL A 90 1.49 9.13 -35.90
N GLY A 91 1.03 10.34 -35.62
CA GLY A 91 0.29 11.08 -36.63
C GLY A 91 1.20 11.45 -37.79
N LEU A 92 2.22 12.24 -37.48
CA LEU A 92 3.18 12.66 -38.47
C LEU A 92 3.65 11.50 -39.33
N LEU A 93 3.77 10.33 -38.74
CA LEU A 93 4.20 9.15 -39.48
C LEU A 93 3.13 8.71 -40.45
N ASN A 94 1.88 8.90 -40.04
CA ASN A 94 0.78 8.50 -40.88
C ASN A 94 0.79 9.39 -42.11
N ALA A 95 0.94 10.69 -41.86
CA ALA A 95 0.99 11.69 -42.93
C ALA A 95 2.35 11.70 -43.64
N ARG A 96 2.96 10.51 -43.73
CA ARG A 96 4.24 10.30 -44.40
C ARG A 96 4.31 8.84 -44.86
N ASN A 97 3.51 8.00 -44.22
CA ASN A 97 3.44 6.60 -44.60
C ASN A 97 2.13 5.97 -44.12
N TYR A 98 1.13 6.01 -45.00
CA TYR A 98 -0.18 5.43 -44.75
C TYR A 98 0.04 4.01 -44.22
N ASN A 99 0.72 3.17 -44.99
CA ASN A 99 0.95 1.78 -44.61
C ASN A 99 1.54 1.51 -43.22
N PHE A 100 2.04 2.55 -42.58
CA PHE A 100 2.61 2.39 -41.24
C PHE A 100 1.47 2.42 -40.23
N GLY A 101 0.69 3.48 -40.28
CA GLY A 101 -0.44 3.62 -39.38
C GLY A 101 -1.36 2.41 -39.45
N GLY A 102 -1.42 1.79 -40.63
CA GLY A 102 -2.27 0.63 -40.85
C GLY A 102 -1.79 -0.65 -40.17
N GLU A 103 -0.48 -0.76 -39.96
CA GLU A 103 0.13 -1.91 -39.30
C GLU A 103 0.30 -1.59 -37.80
N PHE A 104 0.15 -0.31 -37.44
CA PHE A 104 0.26 0.15 -36.06
C PHE A 104 -1.06 -0.13 -35.36
N VAL A 105 -2.12 0.29 -36.02
CA VAL A 105 -3.45 0.10 -35.50
C VAL A 105 -3.79 -1.39 -35.53
N GLU A 106 -3.15 -2.12 -36.42
CA GLU A 106 -3.36 -3.56 -36.54
C GLU A 106 -2.75 -4.23 -35.32
N ALA A 107 -1.69 -3.59 -34.82
CA ALA A 107 -0.96 -4.04 -33.65
C ALA A 107 -1.75 -3.66 -32.39
N MET A 108 -2.07 -2.36 -32.26
CA MET A 108 -2.83 -1.87 -31.11
C MET A 108 -3.96 -2.79 -30.64
N ILE A 109 -4.98 -2.95 -31.46
CA ILE A 109 -6.11 -3.79 -31.10
C ILE A 109 -5.67 -5.18 -30.61
N ARG A 110 -4.74 -5.79 -31.35
CA ARG A 110 -4.23 -7.12 -31.01
C ARG A 110 -3.64 -7.12 -29.59
N GLN A 111 -2.95 -6.02 -29.26
CA GLN A 111 -2.33 -5.81 -27.94
C GLN A 111 -3.49 -5.73 -26.93
N LEU A 112 -4.46 -4.88 -27.24
CA LEU A 112 -5.64 -4.70 -26.42
C LEU A 112 -6.34 -6.04 -26.26
N LYS A 113 -6.31 -6.86 -27.32
CA LYS A 113 -6.93 -8.17 -27.26
C LYS A 113 -6.18 -9.12 -26.31
N GLU A 114 -4.91 -8.83 -26.03
CA GLU A 114 -4.16 -9.67 -25.13
C GLU A 114 -4.28 -9.16 -23.71
N SER A 115 -4.41 -7.83 -23.59
CA SER A 115 -4.53 -7.20 -22.28
C SER A 115 -5.74 -7.67 -21.51
N LEU A 116 -6.89 -7.60 -22.16
CA LEU A 116 -8.13 -8.01 -21.56
C LEU A 116 -8.10 -9.45 -21.11
N LYS A 117 -7.51 -10.36 -21.89
CA LYS A 117 -7.50 -11.75 -21.49
C LYS A 117 -6.67 -12.03 -20.23
N ALA A 118 -5.61 -11.24 -20.06
CA ALA A 118 -4.71 -11.37 -18.90
C ALA A 118 -5.29 -10.58 -17.75
N ASN A 119 -6.37 -9.88 -18.08
CA ASN A 119 -7.11 -9.05 -17.15
C ASN A 119 -6.37 -7.80 -16.72
N ASN A 120 -5.71 -7.15 -17.65
CA ASN A 120 -4.99 -5.93 -17.29
C ASN A 120 -5.85 -4.73 -17.68
N TYR A 121 -7.04 -4.63 -17.10
CA TYR A 121 -7.95 -3.56 -17.43
C TYR A 121 -7.47 -2.15 -17.15
N ASN A 122 -6.60 -1.98 -16.16
CA ASN A 122 -6.08 -0.66 -15.84
C ASN A 122 -5.21 -0.17 -16.98
N GLU A 123 -4.51 -1.11 -17.57
CA GLU A 123 -3.59 -0.87 -18.68
C GLU A 123 -4.35 -0.66 -19.98
N ALA A 124 -5.34 -1.53 -20.18
CA ALA A 124 -6.21 -1.52 -21.36
C ALA A 124 -6.88 -0.20 -21.62
N VAL A 125 -7.28 0.46 -20.54
CA VAL A 125 -7.92 1.75 -20.66
C VAL A 125 -6.91 2.74 -21.25
N TYR A 126 -5.62 2.45 -21.11
CA TYR A 126 -4.64 3.39 -21.63
C TYR A 126 -4.65 3.35 -23.15
N LEU A 127 -4.81 2.15 -23.70
CA LEU A 127 -4.88 1.96 -25.15
C LEU A 127 -6.07 2.73 -25.68
N VAL A 128 -7.24 2.31 -25.25
CA VAL A 128 -8.50 2.96 -25.61
C VAL A 128 -8.33 4.47 -25.57
N ARG A 129 -7.69 4.97 -24.54
CA ARG A 129 -7.52 6.43 -24.49
C ARG A 129 -6.59 6.96 -25.60
N PHE A 130 -5.64 6.12 -26.02
CA PHE A 130 -4.65 6.43 -27.07
C PHE A 130 -5.39 6.41 -28.40
N LEU A 131 -5.90 5.25 -28.76
CA LEU A 131 -6.64 5.10 -29.99
C LEU A 131 -7.58 6.29 -30.17
N SER A 132 -8.36 6.60 -29.13
CA SER A 132 -9.31 7.71 -29.18
C SER A 132 -8.63 8.97 -29.67
N ASP A 133 -7.57 9.36 -28.98
CA ASP A 133 -6.87 10.56 -29.35
C ASP A 133 -6.47 10.53 -30.82
N LEU A 134 -6.05 9.36 -31.31
CA LEU A 134 -5.62 9.20 -32.72
C LEU A 134 -6.62 9.79 -33.69
N VAL A 135 -7.88 9.81 -33.28
CA VAL A 135 -8.94 10.35 -34.09
C VAL A 135 -8.77 11.84 -34.36
N ASN A 136 -8.24 12.57 -33.40
CA ASN A 136 -8.05 14.00 -33.56
C ASN A 136 -6.70 14.21 -34.23
N CYS A 137 -6.03 13.10 -34.52
CA CYS A 137 -4.71 13.14 -35.17
C CYS A 137 -4.78 12.65 -36.62
N HIS A 138 -5.98 12.56 -37.15
CA HIS A 138 -6.15 12.08 -38.51
C HIS A 138 -5.39 10.77 -38.70
N VAL A 139 -5.83 9.72 -38.00
CA VAL A 139 -5.22 8.40 -38.14
C VAL A 139 -6.35 7.35 -38.21
N ILE A 140 -7.33 7.49 -37.31
CA ILE A 140 -8.49 6.59 -37.25
C ILE A 140 -9.77 7.37 -37.57
N ALA A 141 -10.70 6.72 -38.28
CA ALA A 141 -11.95 7.35 -38.66
C ALA A 141 -12.87 7.67 -37.48
N ALA A 142 -13.26 8.95 -37.38
CA ALA A 142 -14.13 9.47 -36.33
C ALA A 142 -15.24 8.49 -35.97
N PRO A 143 -15.96 8.01 -36.99
CA PRO A 143 -17.03 7.05 -36.72
C PRO A 143 -16.47 5.72 -36.23
N SER A 144 -15.43 5.23 -36.92
CA SER A 144 -14.82 3.94 -36.59
C SER A 144 -14.69 3.68 -35.09
N MET A 145 -14.33 4.73 -34.35
CA MET A 145 -14.15 4.63 -32.90
C MET A 145 -15.48 4.52 -32.15
N VAL A 146 -16.48 5.28 -32.60
CA VAL A 146 -17.76 5.20 -31.94
C VAL A 146 -18.35 3.82 -32.17
N ALA A 147 -17.98 3.21 -33.29
CA ALA A 147 -18.50 1.89 -33.64
C ALA A 147 -18.22 0.92 -32.50
N MET A 148 -16.96 0.88 -32.09
CA MET A 148 -16.56 0.00 -31.00
C MET A 148 -17.18 0.56 -29.70
N PHE A 149 -17.03 1.86 -29.44
CA PHE A 149 -17.60 2.47 -28.23
C PHE A 149 -19.04 2.06 -27.98
N GLU A 150 -19.75 1.80 -29.06
CA GLU A 150 -21.12 1.37 -28.96
C GLU A 150 -21.12 -0.04 -28.33
N ASN A 151 -20.20 -0.90 -28.80
CA ASN A 151 -20.07 -2.28 -28.31
C ASN A 151 -19.64 -2.32 -26.85
N PHE A 152 -18.91 -1.28 -26.43
CA PHE A 152 -18.40 -1.11 -25.07
C PHE A 152 -19.58 -0.84 -24.13
N VAL A 153 -20.50 -0.02 -24.62
CA VAL A 153 -21.67 0.28 -23.83
C VAL A 153 -22.63 -0.91 -23.95
N SER A 154 -22.69 -1.54 -25.12
CA SER A 154 -23.59 -2.69 -25.35
C SER A 154 -23.40 -3.91 -24.41
N VAL A 155 -22.32 -3.92 -23.64
CA VAL A 155 -22.07 -5.04 -22.72
C VAL A 155 -22.92 -4.91 -21.47
N THR A 156 -23.43 -3.70 -21.23
CA THR A 156 -24.28 -3.46 -20.08
C THR A 156 -25.65 -4.10 -20.35
N GLN A 157 -25.81 -4.68 -21.52
CA GLN A 157 -27.07 -5.33 -21.82
C GLN A 157 -26.92 -6.84 -21.63
N GLU A 158 -25.69 -7.32 -21.52
CA GLU A 158 -25.44 -8.74 -21.34
C GLU A 158 -26.01 -9.26 -20.02
N GLU A 159 -26.45 -10.52 -20.02
CA GLU A 159 -27.06 -11.16 -18.85
C GLU A 159 -26.14 -12.02 -17.98
N ASP A 160 -26.44 -12.01 -16.69
CA ASP A 160 -25.70 -12.74 -15.68
C ASP A 160 -24.21 -12.52 -15.79
N VAL A 161 -23.81 -11.28 -15.49
CA VAL A 161 -22.42 -10.85 -15.51
C VAL A 161 -22.15 -9.75 -14.49
N PRO A 162 -21.06 -9.89 -13.72
CA PRO A 162 -20.67 -8.92 -12.70
C PRO A 162 -20.63 -7.48 -13.16
N GLN A 163 -21.31 -6.64 -12.38
CA GLN A 163 -21.43 -5.21 -12.60
C GLN A 163 -20.08 -4.59 -12.86
N VAL A 164 -19.07 -5.17 -12.22
CA VAL A 164 -17.71 -4.67 -12.37
C VAL A 164 -17.29 -4.64 -13.85
N ARG A 165 -17.62 -5.70 -14.60
CA ARG A 165 -17.29 -5.75 -16.02
C ARG A 165 -17.97 -4.59 -16.75
N ARG A 166 -19.26 -4.43 -16.47
CA ARG A 166 -20.03 -3.37 -17.07
C ARG A 166 -19.39 -2.04 -16.69
N ASP A 167 -19.30 -1.76 -15.41
CA ASP A 167 -18.72 -0.49 -14.99
C ASP A 167 -17.46 -0.12 -15.73
N TRP A 168 -16.62 -1.11 -16.00
CA TRP A 168 -15.34 -0.81 -16.68
C TRP A 168 -15.50 -0.30 -18.08
N TYR A 169 -16.04 -1.15 -18.96
CA TYR A 169 -16.24 -0.79 -20.36
C TYR A 169 -16.83 0.62 -20.43
N VAL A 170 -17.71 0.96 -19.48
CA VAL A 170 -18.28 2.29 -19.43
C VAL A 170 -17.21 3.26 -19.00
N TYR A 171 -16.32 2.80 -18.12
CA TYR A 171 -15.27 3.66 -17.66
C TYR A 171 -14.37 3.98 -18.86
N ALA A 172 -13.84 2.92 -19.46
CA ALA A 172 -12.94 3.02 -20.62
C ALA A 172 -13.45 4.06 -21.62
N PHE A 173 -14.76 4.12 -21.75
CA PHE A 173 -15.40 5.06 -22.66
C PHE A 173 -15.28 6.44 -22.01
N LEU A 174 -16.34 6.83 -21.34
CA LEU A 174 -16.44 8.11 -20.66
C LEU A 174 -15.11 8.83 -20.40
N SER A 175 -14.11 8.07 -19.96
CA SER A 175 -12.81 8.64 -19.62
C SER A 175 -12.03 9.17 -20.81
N SER A 176 -12.17 8.50 -21.95
CA SER A 176 -11.48 8.90 -23.17
C SER A 176 -12.04 10.24 -23.65
N LEU A 177 -13.35 10.34 -23.61
CA LEU A 177 -14.09 11.52 -24.06
C LEU A 177 -13.52 12.92 -23.71
N PRO A 178 -12.76 13.07 -22.61
CA PRO A 178 -12.24 14.44 -22.36
C PRO A 178 -11.23 14.81 -23.43
N TRP A 179 -10.76 13.78 -24.12
CA TRP A 179 -9.79 13.94 -25.20
C TRP A 179 -10.53 13.93 -26.54
N VAL A 180 -10.78 12.74 -27.03
CA VAL A 180 -11.43 12.55 -28.30
C VAL A 180 -12.82 13.20 -28.55
N GLY A 181 -13.59 13.47 -27.50
CA GLY A 181 -14.93 14.05 -27.69
C GLY A 181 -15.19 15.39 -28.36
N LYS A 182 -14.26 16.34 -28.24
CA LYS A 182 -14.45 17.66 -28.86
C LYS A 182 -14.79 17.54 -30.36
N GLU A 183 -13.96 16.78 -31.08
CA GLU A 183 -14.17 16.56 -32.51
C GLU A 183 -14.96 15.28 -32.70
N LEU A 184 -15.18 14.51 -31.63
CA LEU A 184 -15.93 13.27 -31.79
C LEU A 184 -17.43 13.52 -31.79
N TYR A 185 -17.85 14.76 -31.57
CA TYR A 185 -19.30 15.02 -31.56
C TYR A 185 -19.79 15.76 -32.78
N GLU A 186 -18.86 15.97 -33.71
CA GLU A 186 -19.19 16.61 -34.97
C GLU A 186 -19.83 15.46 -35.71
N LYS A 187 -19.81 14.29 -35.08
CA LYS A 187 -20.47 13.10 -35.60
C LYS A 187 -20.95 12.09 -34.58
N LYS A 188 -21.87 11.24 -35.09
CA LYS A 188 -22.60 10.17 -34.42
C LYS A 188 -23.27 10.77 -33.21
N ASP A 189 -23.36 12.10 -33.23
CA ASP A 189 -23.98 12.82 -32.14
C ASP A 189 -25.41 12.32 -32.17
N ALA A 190 -25.71 11.52 -33.19
CA ALA A 190 -27.01 10.91 -33.38
C ALA A 190 -27.01 9.61 -32.56
N GLU A 191 -25.82 9.00 -32.48
CA GLU A 191 -25.60 7.78 -31.71
C GLU A 191 -24.97 8.06 -30.33
N MET A 192 -24.21 9.14 -30.24
CA MET A 192 -23.54 9.59 -28.99
C MET A 192 -24.53 10.38 -28.15
N ASP A 193 -25.79 10.14 -28.46
CA ASP A 193 -26.91 10.76 -27.78
C ASP A 193 -27.66 9.52 -27.37
N ARG A 194 -27.41 8.45 -28.11
CA ARG A 194 -28.02 7.14 -27.87
C ARG A 194 -27.15 6.42 -26.84
N ILE A 195 -25.84 6.42 -27.12
CA ILE A 195 -24.87 5.77 -26.24
C ILE A 195 -24.88 6.51 -24.92
N PHE A 196 -25.21 7.80 -24.98
CA PHE A 196 -25.29 8.62 -23.78
C PHE A 196 -26.45 8.16 -22.92
N ALA A 197 -27.64 8.15 -23.52
CA ALA A 197 -28.84 7.76 -22.82
C ALA A 197 -28.75 6.31 -22.38
N ASN A 198 -28.02 5.48 -23.12
CA ASN A 198 -27.88 4.06 -22.77
C ASN A 198 -26.95 3.88 -21.59
N THR A 199 -26.02 4.82 -21.44
CA THR A 199 -25.06 4.80 -20.36
C THR A 199 -25.64 5.59 -19.20
N GLU A 200 -26.59 6.45 -19.50
CA GLU A 200 -27.26 7.24 -18.49
C GLU A 200 -28.18 6.30 -17.69
N SER A 201 -28.95 5.48 -18.41
CA SER A 201 -29.88 4.54 -17.79
C SER A 201 -29.13 3.56 -16.90
N TYR A 202 -28.20 2.82 -17.47
CA TYR A 202 -27.41 1.88 -16.68
C TYR A 202 -26.72 2.57 -15.48
N LEU A 203 -26.26 3.81 -15.65
CA LEU A 203 -25.59 4.53 -14.58
C LEU A 203 -26.47 4.72 -13.37
N LYS A 204 -27.75 4.98 -13.61
CA LYS A 204 -28.72 5.17 -12.53
C LYS A 204 -29.28 3.84 -11.99
N ARG A 205 -29.16 2.78 -12.78
CA ARG A 205 -29.63 1.44 -12.42
C ARG A 205 -28.51 0.54 -11.82
N ARG A 206 -27.44 1.19 -11.33
CA ARG A 206 -26.27 0.53 -10.70
C ARG A 206 -26.30 0.57 -9.17
N GLN A 207 -26.11 -0.59 -8.54
CA GLN A 207 -26.09 -0.67 -7.08
C GLN A 207 -24.84 0.05 -6.60
N LYS A 208 -24.94 0.73 -5.45
CA LYS A 208 -23.80 1.47 -4.90
C LYS A 208 -23.39 0.90 -3.55
N THR A 209 -23.80 -0.34 -3.28
CA THR A 209 -23.50 -0.99 -2.00
C THR A 209 -22.11 -0.67 -1.44
N HIS A 210 -21.09 -0.71 -2.31
CA HIS A 210 -19.71 -0.46 -1.93
C HIS A 210 -19.33 0.88 -1.30
N VAL A 211 -19.70 1.97 -1.94
CA VAL A 211 -19.38 3.32 -1.48
C VAL A 211 -19.05 3.54 0.02
N PRO A 212 -19.89 3.06 0.94
CA PRO A 212 -19.59 3.26 2.36
C PRO A 212 -18.29 2.59 2.81
N MET A 213 -18.08 1.35 2.36
CA MET A 213 -16.88 0.63 2.68
C MET A 213 -15.64 1.21 1.97
N LEU A 214 -15.85 2.05 0.95
CA LEU A 214 -14.73 2.65 0.20
C LEU A 214 -14.48 4.14 0.41
N GLN A 215 -15.34 4.78 1.19
CA GLN A 215 -15.18 6.20 1.42
C GLN A 215 -14.09 6.48 2.42
N VAL A 216 -13.41 7.62 2.26
CA VAL A 216 -12.32 8.06 3.15
C VAL A 216 -12.93 8.72 4.38
N TRP A 217 -13.96 9.51 4.10
CA TRP A 217 -14.71 10.21 5.14
C TRP A 217 -16.18 9.86 4.89
N THR A 218 -17.04 10.09 5.89
CA THR A 218 -18.44 9.77 5.71
C THR A 218 -19.20 11.11 5.67
N ALA A 219 -18.44 12.18 5.87
CA ALA A 219 -18.98 13.54 5.88
C ALA A 219 -19.18 14.06 4.47
N ASP A 220 -20.40 14.52 4.16
CA ASP A 220 -20.70 15.08 2.84
C ASP A 220 -20.22 16.53 2.79
N LYS A 221 -19.58 16.98 3.85
CA LYS A 221 -19.05 18.32 3.88
C LYS A 221 -17.71 18.23 4.56
N PRO A 222 -16.74 19.08 4.15
CA PRO A 222 -16.88 20.07 3.07
C PRO A 222 -16.70 19.52 1.65
N HIS A 223 -16.25 18.28 1.54
CA HIS A 223 -16.01 17.64 0.24
C HIS A 223 -16.61 16.25 0.16
N PRO A 224 -17.67 16.08 -0.63
CA PRO A 224 -18.32 14.77 -0.79
C PRO A 224 -17.46 13.75 -1.50
N GLN A 225 -17.39 12.57 -0.91
CA GLN A 225 -16.62 11.50 -1.51
C GLN A 225 -17.54 10.80 -2.48
N GLU A 226 -17.39 11.10 -3.78
CA GLU A 226 -18.25 10.57 -4.84
C GLU A 226 -17.72 9.33 -5.52
N GLU A 227 -18.62 8.45 -5.94
CA GLU A 227 -18.25 7.23 -6.65
C GLU A 227 -17.48 7.65 -7.92
N TYR A 228 -16.52 6.86 -8.39
CA TYR A 228 -15.75 7.23 -9.58
C TYR A 228 -16.62 7.44 -10.85
N LEU A 229 -17.44 6.45 -11.20
CA LEU A 229 -18.31 6.59 -12.37
C LEU A 229 -19.43 7.61 -12.13
N ASP A 230 -19.80 7.83 -10.88
CA ASP A 230 -20.87 8.79 -10.58
C ASP A 230 -20.30 10.18 -10.57
N CYS A 231 -18.98 10.25 -10.54
CA CYS A 231 -18.32 11.54 -10.50
C CYS A 231 -17.84 11.89 -11.89
N LEU A 232 -17.37 10.90 -12.61
CA LEU A 232 -16.90 11.15 -13.96
C LEU A 232 -18.08 11.62 -14.82
N TRP A 233 -19.27 11.07 -14.60
CA TRP A 233 -20.43 11.45 -15.40
C TRP A 233 -20.73 12.90 -15.19
N ALA A 234 -20.42 13.36 -14.01
CA ALA A 234 -20.64 14.75 -13.72
C ALA A 234 -19.58 15.61 -14.39
N GLN A 235 -18.46 15.00 -14.82
CA GLN A 235 -17.37 15.74 -15.46
C GLN A 235 -17.50 15.75 -16.99
N ILE A 236 -18.23 14.77 -17.50
CA ILE A 236 -18.50 14.66 -18.92
C ILE A 236 -19.61 15.68 -19.19
N GLN A 237 -20.65 15.67 -18.37
CA GLN A 237 -21.77 16.60 -18.54
C GLN A 237 -21.30 18.05 -18.61
N LYS A 238 -20.37 18.44 -17.73
CA LYS A 238 -19.84 19.80 -17.71
C LYS A 238 -19.15 20.10 -19.05
N LEU A 239 -18.62 19.03 -19.65
CA LEU A 239 -17.91 19.06 -20.94
C LEU A 239 -18.90 19.20 -22.10
N LYS A 240 -19.95 18.38 -22.07
CA LYS A 240 -20.96 18.40 -23.10
C LYS A 240 -21.56 19.78 -23.20
N LYS A 241 -22.03 20.31 -22.07
CA LYS A 241 -22.64 21.62 -22.01
C LYS A 241 -21.64 22.74 -22.31
N ASP A 242 -20.37 22.39 -22.40
CA ASP A 242 -19.39 23.42 -22.73
C ASP A 242 -18.90 23.17 -24.15
N ARG A 243 -19.72 22.42 -24.87
CA ARG A 243 -19.45 22.07 -26.26
C ARG A 243 -18.19 21.21 -26.41
N TRP A 244 -17.93 20.35 -25.44
CA TRP A 244 -16.73 19.47 -25.48
C TRP A 244 -15.40 20.20 -25.55
N GLN A 245 -15.37 21.38 -24.93
CA GLN A 245 -14.19 22.23 -24.90
C GLN A 245 -13.51 22.18 -23.55
N GLU A 246 -12.27 21.70 -23.54
CA GLU A 246 -11.47 21.62 -22.31
C GLU A 246 -10.30 22.62 -22.33
N ARG A 247 -9.51 22.68 -21.27
CA ARG A 247 -8.41 23.62 -21.25
C ARG A 247 -7.14 23.14 -20.58
N HIS A 248 -6.81 21.86 -20.74
CA HIS A 248 -5.60 21.37 -20.10
C HIS A 248 -4.83 20.30 -20.86
N ILE A 249 -5.52 19.46 -21.61
CA ILE A 249 -4.82 18.42 -22.38
C ILE A 249 -4.04 19.09 -23.52
N LEU A 250 -2.72 18.93 -23.51
CA LEU A 250 -1.90 19.51 -24.55
C LEU A 250 -2.03 18.68 -25.83
N ARG A 251 -2.36 19.38 -26.92
CA ARG A 251 -2.50 18.81 -28.25
C ARG A 251 -1.25 19.22 -28.99
N PRO A 252 -0.37 18.25 -29.29
CA PRO A 252 0.88 18.53 -30.00
C PRO A 252 0.52 18.84 -31.45
N TYR A 253 -0.58 18.23 -31.89
CA TYR A 253 -1.05 18.39 -33.26
C TYR A 253 -1.95 19.59 -33.53
N LEU A 254 -1.62 20.73 -32.92
CA LEU A 254 -2.40 21.93 -33.17
C LEU A 254 -1.60 22.69 -34.23
N ALA A 255 -0.27 22.60 -34.13
CA ALA A 255 0.61 23.27 -35.08
C ALA A 255 0.95 22.28 -36.20
N PHE A 256 0.28 21.13 -36.20
CA PHE A 256 0.48 20.11 -37.23
C PHE A 256 -0.75 19.80 -38.08
N ASP A 257 -1.81 20.57 -37.87
CA ASP A 257 -3.05 20.44 -38.61
C ASP A 257 -2.72 20.52 -40.12
N SER A 258 -1.87 21.48 -40.46
CA SER A 258 -1.44 21.72 -41.83
C SER A 258 -0.87 20.47 -42.52
N ILE A 259 -0.02 19.72 -41.81
CA ILE A 259 0.56 18.50 -42.37
C ILE A 259 -0.32 17.27 -42.12
N LEU A 260 -1.19 17.39 -41.12
CA LEU A 260 -2.08 16.30 -40.73
C LEU A 260 -3.35 16.06 -41.54
N CYS A 261 -3.94 17.12 -42.08
CA CYS A 261 -5.17 17.02 -42.87
C CYS A 261 -5.08 16.10 -44.08
N GLU A 262 -4.09 16.31 -44.94
CA GLU A 262 -3.97 15.45 -46.12
C GLU A 262 -3.75 13.98 -45.73
N ALA A 263 -3.51 13.75 -44.45
CA ALA A 263 -3.31 12.39 -43.98
C ALA A 263 -4.67 11.68 -44.16
N LEU A 264 -4.63 10.40 -44.49
CA LEU A 264 -5.85 9.64 -44.71
C LEU A 264 -6.09 8.57 -43.62
N GLN A 265 -7.10 8.85 -42.80
CA GLN A 265 -7.52 8.00 -41.68
C GLN A 265 -7.73 6.52 -42.00
N HIS A 266 -7.85 5.71 -40.94
CA HIS A 266 -8.06 4.27 -41.10
C HIS A 266 -9.34 3.80 -40.44
N ASN A 267 -9.69 2.55 -40.70
CA ASN A 267 -10.91 1.95 -40.14
C ASN A 267 -10.67 0.80 -39.17
N LEU A 268 -11.28 0.90 -37.98
CA LEU A 268 -11.18 -0.12 -36.93
C LEU A 268 -12.22 -1.19 -37.24
N PRO A 269 -11.76 -2.40 -37.56
CA PRO A 269 -12.72 -3.46 -37.86
C PRO A 269 -13.62 -3.75 -36.67
N PRO A 270 -14.75 -4.41 -36.92
CA PRO A 270 -15.69 -4.76 -35.85
C PRO A 270 -15.06 -5.39 -34.61
N PHE A 271 -15.31 -4.75 -33.45
CA PHE A 271 -14.81 -5.22 -32.16
C PHE A 271 -15.89 -5.71 -31.21
N THR A 272 -15.77 -7.00 -30.86
CA THR A 272 -16.71 -7.67 -29.95
C THR A 272 -15.96 -8.04 -28.63
N PRO A 273 -16.15 -7.23 -27.56
CA PRO A 273 -15.54 -7.41 -26.22
C PRO A 273 -15.57 -8.84 -25.68
N PRO A 274 -14.40 -9.38 -25.39
CA PRO A 274 -14.26 -10.73 -24.87
C PRO A 274 -15.29 -11.05 -23.80
N PRO A 275 -16.13 -12.09 -24.04
CA PRO A 275 -17.19 -12.56 -23.15
C PRO A 275 -16.71 -12.90 -21.72
N HIS A 276 -17.58 -12.62 -20.75
CA HIS A 276 -17.26 -12.87 -19.35
C HIS A 276 -17.05 -14.34 -19.09
N THR A 277 -15.94 -14.66 -18.42
CA THR A 277 -15.66 -16.05 -18.10
C THR A 277 -15.25 -16.17 -16.64
N GLU A 278 -15.48 -17.35 -16.06
CA GLU A 278 -15.11 -17.60 -14.67
C GLU A 278 -13.62 -17.45 -14.50
N ASP A 279 -12.97 -16.88 -15.50
CA ASP A 279 -11.54 -16.64 -15.49
C ASP A 279 -11.25 -15.16 -15.78
N SER A 280 -12.24 -14.30 -15.54
CA SER A 280 -12.07 -12.87 -15.80
C SER A 280 -12.09 -12.07 -14.49
N VAL A 281 -11.14 -11.16 -14.37
CA VAL A 281 -11.03 -10.35 -13.17
C VAL A 281 -11.14 -8.88 -13.51
N TYR A 282 -12.14 -8.20 -12.96
CA TYR A 282 -12.33 -6.79 -13.25
C TYR A 282 -12.09 -5.83 -12.07
N PRO A 283 -11.38 -4.72 -12.31
CA PRO A 283 -11.06 -3.70 -11.32
C PRO A 283 -12.20 -3.45 -10.35
N MET A 284 -11.86 -3.33 -9.09
CA MET A 284 -12.87 -3.09 -8.08
C MET A 284 -13.28 -1.63 -8.17
N PRO A 285 -14.53 -1.36 -7.83
CA PRO A 285 -15.08 0.00 -7.87
C PRO A 285 -14.23 0.94 -7.04
N ARG A 286 -14.12 2.20 -7.43
CA ARG A 286 -13.31 3.11 -6.62
C ARG A 286 -14.05 4.38 -6.22
N VAL A 287 -13.68 4.98 -5.08
CA VAL A 287 -14.34 6.22 -4.64
C VAL A 287 -13.42 7.40 -4.67
N ILE A 288 -13.80 8.44 -5.37
CA ILE A 288 -12.90 9.57 -5.50
C ILE A 288 -12.56 10.27 -4.19
N PHE A 289 -11.27 10.59 -4.08
CA PHE A 289 -10.70 11.28 -2.91
C PHE A 289 -10.78 12.79 -3.15
N ARG A 290 -11.44 13.53 -2.26
CA ARG A 290 -11.56 14.97 -2.46
C ARG A 290 -11.28 15.69 -1.13
N MET A 291 -10.26 16.56 -1.11
CA MET A 291 -9.93 17.28 0.11
C MET A 291 -9.47 18.68 -0.24
N PHE A 292 -9.61 19.04 -1.51
CA PHE A 292 -9.18 20.35 -1.98
C PHE A 292 -10.14 21.00 -2.99
N ASP A 293 -10.19 22.32 -2.92
CA ASP A 293 -11.01 23.12 -3.83
C ASP A 293 -10.25 24.43 -3.96
N TYR A 294 -10.70 25.30 -4.86
CA TYR A 294 -9.96 26.55 -5.08
C TYR A 294 -9.82 27.54 -3.89
N THR A 295 -10.65 27.37 -2.86
CA THR A 295 -10.63 28.29 -1.71
C THR A 295 -9.53 28.04 -0.69
N ASP A 296 -8.96 26.83 -0.72
CA ASP A 296 -7.89 26.45 0.19
C ASP A 296 -6.67 27.31 -0.16
N ASP A 297 -6.40 27.42 -1.45
CA ASP A 297 -5.34 28.25 -1.91
C ASP A 297 -6.09 29.44 -2.49
N PRO A 298 -6.06 30.56 -1.75
CA PRO A 298 -6.75 31.72 -2.31
C PRO A 298 -5.91 32.41 -3.37
N GLU A 299 -4.75 32.87 -2.93
CA GLU A 299 -3.82 33.58 -3.80
C GLU A 299 -3.02 32.57 -4.64
N GLY A 300 -3.14 32.72 -5.97
CA GLY A 300 -2.48 31.82 -6.89
C GLY A 300 -3.49 31.22 -7.89
N PRO A 301 -3.04 30.40 -8.86
CA PRO A 301 -3.96 29.81 -9.85
C PRO A 301 -5.20 29.09 -9.30
N VAL A 302 -6.29 29.17 -10.05
CA VAL A 302 -7.54 28.55 -9.63
C VAL A 302 -7.63 27.06 -9.94
N MET A 303 -7.74 26.26 -8.89
CA MET A 303 -7.84 24.82 -9.06
C MET A 303 -9.14 24.43 -9.77
N PRO A 304 -9.06 23.54 -10.76
CA PRO A 304 -10.26 23.11 -11.48
C PRO A 304 -11.31 22.70 -10.48
N GLY A 305 -12.55 22.70 -10.86
CA GLY A 305 -13.56 22.29 -9.90
C GLY A 305 -13.63 20.80 -9.80
N SER A 306 -14.14 20.32 -8.66
CA SER A 306 -14.30 18.90 -8.37
C SER A 306 -15.01 18.15 -9.52
N HIS A 307 -16.01 18.80 -10.12
CA HIS A 307 -16.80 18.20 -11.21
C HIS A 307 -16.31 18.53 -12.64
N SER A 308 -15.28 19.36 -12.72
CA SER A 308 -14.69 19.73 -13.99
C SER A 308 -13.79 18.60 -14.43
N VAL A 309 -13.52 18.53 -15.73
CA VAL A 309 -12.65 17.49 -16.28
C VAL A 309 -11.15 17.75 -16.02
N GLU A 310 -10.72 19.01 -16.09
CA GLU A 310 -9.32 19.34 -15.87
C GLU A 310 -8.81 18.54 -14.67
N ARG A 311 -9.50 18.74 -13.56
CA ARG A 311 -9.12 18.07 -12.36
C ARG A 311 -8.86 16.60 -12.66
N PHE A 312 -9.85 15.88 -13.19
CA PHE A 312 -9.66 14.45 -13.51
C PHE A 312 -8.40 14.22 -14.31
N VAL A 313 -8.14 15.15 -15.23
CA VAL A 313 -6.96 15.03 -16.07
C VAL A 313 -5.67 15.08 -15.28
N ILE A 314 -5.39 16.19 -14.61
CA ILE A 314 -4.16 16.33 -13.80
C ILE A 314 -3.97 15.11 -12.84
N GLU A 315 -5.01 14.81 -12.05
CA GLU A 315 -5.01 13.69 -11.13
C GLU A 315 -4.73 12.34 -11.82
N GLU A 316 -5.37 12.11 -12.95
CA GLU A 316 -5.16 10.87 -13.66
C GLU A 316 -3.71 10.82 -14.11
N ASN A 317 -3.16 11.95 -14.52
CA ASN A 317 -1.78 11.94 -14.98
C ASN A 317 -0.78 11.83 -13.82
N LEU A 318 -0.99 12.59 -12.74
CA LEU A 318 -0.08 12.52 -11.60
C LEU A 318 -0.02 11.10 -11.03
N HIS A 319 -1.18 10.48 -10.89
CA HIS A 319 -1.25 9.09 -10.41
C HIS A 319 -0.37 8.22 -11.32
N CYS A 320 -0.36 8.60 -12.61
CA CYS A 320 0.42 7.94 -13.65
C CYS A 320 1.90 8.27 -13.59
N ILE A 321 2.24 9.45 -13.11
CA ILE A 321 3.64 9.84 -13.00
C ILE A 321 4.29 8.98 -11.93
N ILE A 322 3.60 8.79 -10.83
CA ILE A 322 4.17 7.99 -9.77
C ILE A 322 4.02 6.53 -10.12
N LYS A 323 3.12 6.25 -11.04
CA LYS A 323 2.89 4.88 -11.49
C LYS A 323 4.14 4.36 -12.19
N SER A 324 4.86 5.28 -12.81
CA SER A 324 6.06 4.96 -13.58
C SER A 324 7.36 4.97 -12.79
N HIS A 325 7.67 6.12 -12.19
CA HIS A 325 8.90 6.33 -11.44
C HIS A 325 8.74 6.24 -9.92
N TRP A 326 8.07 5.21 -9.44
CA TRP A 326 7.91 5.12 -8.01
C TRP A 326 9.16 4.50 -7.44
N LYS A 327 9.72 3.55 -8.19
CA LYS A 327 10.91 2.86 -7.74
C LYS A 327 12.05 3.79 -7.42
N GLU A 328 11.98 5.00 -7.97
CA GLU A 328 13.04 5.94 -7.72
C GLU A 328 12.46 7.21 -7.22
N ARG A 329 12.43 7.37 -5.92
CA ARG A 329 11.87 8.58 -5.36
C ARG A 329 12.51 9.88 -5.83
N LYS A 330 13.83 9.91 -5.96
CA LYS A 330 14.47 11.14 -6.39
C LYS A 330 14.02 11.69 -7.76
N THR A 331 13.96 10.82 -8.76
CA THR A 331 13.56 11.23 -10.11
C THR A 331 12.06 11.59 -10.09
N CYS A 332 11.26 10.71 -9.50
CA CYS A 332 9.83 10.91 -9.41
C CYS A 332 9.42 12.32 -9.00
N ALA A 333 10.20 12.91 -8.09
CA ALA A 333 9.91 14.26 -7.62
C ALA A 333 9.90 15.25 -8.78
N ALA A 334 11.01 15.27 -9.49
CA ALA A 334 11.16 16.16 -10.63
C ALA A 334 10.07 15.96 -11.68
N GLN A 335 9.89 14.71 -12.11
CA GLN A 335 8.90 14.40 -13.13
C GLN A 335 7.53 14.92 -12.72
N LEU A 336 7.33 15.03 -11.41
CA LEU A 336 6.09 15.52 -10.86
C LEU A 336 6.11 17.05 -10.81
N VAL A 337 7.14 17.63 -10.20
CA VAL A 337 7.16 19.08 -10.13
C VAL A 337 7.17 19.78 -11.49
N SER A 338 7.70 19.11 -12.52
CA SER A 338 7.77 19.72 -13.85
C SER A 338 6.74 19.12 -14.77
N TYR A 339 5.49 19.18 -14.34
CA TYR A 339 4.38 18.64 -15.11
C TYR A 339 3.96 19.57 -16.25
N PRO A 340 3.54 19.00 -17.41
CA PRO A 340 3.08 19.68 -18.63
C PRO A 340 2.03 20.78 -18.48
N GLY A 341 1.22 20.70 -17.45
CA GLY A 341 0.17 21.69 -17.22
C GLY A 341 -0.09 22.82 -18.21
N LYS A 342 -0.94 22.56 -19.22
CA LYS A 342 -1.30 23.55 -20.25
C LYS A 342 -1.65 24.89 -19.60
N ASN A 343 -2.81 24.94 -18.93
CA ASN A 343 -3.26 26.14 -18.23
C ASN A 343 -2.66 26.05 -16.83
N LYS A 344 -2.09 27.15 -16.33
CA LYS A 344 -1.44 27.16 -15.01
C LYS A 344 -2.36 26.73 -13.84
N ILE A 345 -1.93 25.68 -13.16
CA ILE A 345 -2.64 25.11 -12.04
C ILE A 345 -1.72 25.18 -10.83
N PRO A 346 -2.27 24.95 -9.62
CA PRO A 346 -1.49 24.98 -8.36
C PRO A 346 -0.97 23.57 -8.03
N LEU A 347 0.05 23.18 -8.79
CA LEU A 347 0.71 21.88 -8.72
C LEU A 347 0.99 21.35 -7.34
N ASN A 348 1.49 22.20 -6.47
CA ASN A 348 1.79 21.74 -5.14
C ASN A 348 0.57 21.06 -4.51
N TYR A 349 -0.58 21.75 -4.47
CA TYR A 349 -1.80 21.17 -3.88
C TYR A 349 -2.33 19.96 -4.64
N HIS A 350 -2.07 19.94 -5.94
CA HIS A 350 -2.51 18.82 -6.78
C HIS A 350 -1.60 17.64 -6.45
N ILE A 351 -0.30 17.89 -6.38
CA ILE A 351 0.63 16.83 -6.08
C ILE A 351 0.26 16.16 -4.76
N VAL A 352 0.27 16.97 -3.70
CA VAL A 352 -0.06 16.49 -2.37
C VAL A 352 -1.40 15.76 -2.36
N GLU A 353 -2.44 16.42 -2.87
CA GLU A 353 -3.76 15.82 -2.91
C GLU A 353 -3.76 14.40 -3.55
N VAL A 354 -2.95 14.23 -4.61
CA VAL A 354 -2.86 12.95 -5.33
C VAL A 354 -2.12 11.90 -4.52
N ILE A 355 -1.17 12.36 -3.70
CA ILE A 355 -0.39 11.45 -2.86
C ILE A 355 -1.31 10.88 -1.78
N PHE A 356 -1.87 11.76 -0.96
CA PHE A 356 -2.78 11.31 0.06
C PHE A 356 -3.91 10.48 -0.57
N ALA A 357 -4.31 10.86 -1.78
CA ALA A 357 -5.39 10.16 -2.50
C ALA A 357 -5.06 8.68 -2.72
N GLU A 358 -3.76 8.43 -2.93
CA GLU A 358 -3.21 7.10 -3.12
C GLU A 358 -2.96 6.42 -1.78
N LEU A 359 -2.34 7.18 -0.89
CA LEU A 359 -2.07 6.68 0.44
C LEU A 359 -3.39 6.22 1.10
N PHE A 360 -4.47 6.97 0.92
CA PHE A 360 -5.74 6.60 1.55
C PHE A 360 -6.64 5.70 0.69
N GLN A 361 -6.21 5.42 -0.53
CA GLN A 361 -7.02 4.60 -1.42
C GLN A 361 -7.49 3.28 -0.82
N LEU A 362 -8.77 3.23 -0.46
CA LEU A 362 -9.34 2.01 0.09
C LEU A 362 -9.74 1.12 -1.09
N PRO A 363 -9.46 -0.20 -1.02
CA PRO A 363 -8.80 -0.91 0.07
C PRO A 363 -7.34 -0.49 0.30
N ALA A 364 -6.47 -0.96 -0.60
CA ALA A 364 -5.05 -0.68 -0.48
C ALA A 364 -4.49 0.38 -1.44
N PRO A 365 -3.39 1.03 -1.05
CA PRO A 365 -2.79 2.06 -1.92
C PRO A 365 -2.13 1.37 -3.11
N PRO A 366 -1.81 2.14 -4.14
CA PRO A 366 -1.18 1.51 -5.31
C PRO A 366 0.24 1.04 -5.06
N HIS A 367 0.89 1.68 -4.09
CA HIS A 367 2.26 1.37 -3.72
C HIS A 367 2.32 1.07 -2.23
N ILE A 368 3.56 1.08 -1.70
CA ILE A 368 3.86 0.81 -0.28
C ILE A 368 3.87 2.08 0.56
N ASP A 369 3.10 2.08 1.64
CA ASP A 369 2.99 3.27 2.46
C ASP A 369 4.26 4.12 2.68
N VAL A 370 5.35 3.47 3.05
CA VAL A 370 6.59 4.17 3.31
C VAL A 370 7.06 5.02 2.12
N MET A 371 6.70 4.57 0.92
CA MET A 371 7.11 5.28 -0.27
C MET A 371 6.63 6.71 -0.26
N TYR A 372 5.38 6.89 0.13
CA TYR A 372 4.80 8.21 0.14
C TYR A 372 5.55 9.04 1.13
N THR A 373 5.76 8.52 2.32
CA THR A 373 6.45 9.30 3.33
C THR A 373 7.75 9.92 2.79
N THR A 374 8.60 9.09 2.19
CA THR A 374 9.89 9.53 1.65
C THR A 374 9.79 10.50 0.47
N LEU A 375 8.83 10.24 -0.40
CA LEU A 375 8.60 11.05 -1.59
C LEU A 375 8.31 12.46 -1.18
N LEU A 376 7.36 12.60 -0.27
CA LEU A 376 7.00 13.91 0.22
C LEU A 376 8.27 14.62 0.69
N ILE A 377 9.10 13.90 1.43
CA ILE A 377 10.32 14.48 1.94
C ILE A 377 11.15 14.98 0.77
N GLU A 378 11.21 14.19 -0.29
CA GLU A 378 11.99 14.60 -1.45
C GLU A 378 11.41 15.88 -2.03
N LEU A 379 10.08 15.90 -2.15
CA LEU A 379 9.42 17.07 -2.68
C LEU A 379 9.79 18.31 -1.88
N CYS A 380 9.71 18.20 -0.57
CA CYS A 380 10.08 19.33 0.26
C CYS A 380 11.50 19.79 -0.06
N LYS A 381 12.37 18.86 -0.40
CA LYS A 381 13.74 19.25 -0.69
C LYS A 381 13.82 19.97 -2.02
N LEU A 382 13.09 19.45 -2.99
CA LEU A 382 13.10 20.03 -4.31
C LEU A 382 12.55 21.44 -4.33
N GLN A 383 11.38 21.63 -3.71
CA GLN A 383 10.73 22.93 -3.67
C GLN A 383 10.56 23.40 -2.23
N PRO A 384 11.64 23.90 -1.61
CA PRO A 384 11.59 24.38 -0.23
C PRO A 384 10.65 25.55 -0.08
N GLY A 385 10.65 26.41 -1.08
CA GLY A 385 9.80 27.60 -1.02
C GLY A 385 8.29 27.41 -1.06
N SER A 386 7.80 26.28 -1.57
CA SER A 386 6.35 26.11 -1.67
C SER A 386 5.70 24.93 -0.96
N LEU A 387 6.22 23.73 -1.24
CA LEU A 387 5.68 22.45 -0.71
C LEU A 387 5.51 22.40 0.80
N PRO A 388 6.52 22.85 1.53
CA PRO A 388 6.35 22.81 2.97
C PRO A 388 4.99 23.35 3.39
N GLN A 389 4.84 24.68 3.32
CA GLN A 389 3.61 25.38 3.73
C GLN A 389 2.29 24.67 3.41
N VAL A 390 2.27 24.01 2.27
CA VAL A 390 1.07 23.32 1.85
C VAL A 390 0.85 22.12 2.73
N LEU A 391 1.88 21.28 2.79
CA LEU A 391 1.79 20.08 3.59
C LEU A 391 1.27 20.40 5.00
N ALA A 392 1.89 21.35 5.68
CA ALA A 392 1.42 21.72 7.02
C ALA A 392 -0.07 22.14 6.99
N GLN A 393 -0.52 22.64 5.86
CA GLN A 393 -1.90 23.08 5.73
C GLN A 393 -2.80 21.87 5.48
N ALA A 394 -2.21 20.88 4.83
CA ALA A 394 -2.94 19.67 4.52
C ALA A 394 -3.06 18.85 5.79
N THR A 395 -2.00 18.84 6.60
CA THR A 395 -2.02 18.06 7.84
C THR A 395 -3.20 18.56 8.69
N GLU A 396 -3.15 19.85 9.01
CA GLU A 396 -4.17 20.54 9.78
C GLU A 396 -5.56 20.10 9.32
N MET A 397 -5.83 20.23 8.04
CA MET A 397 -7.12 19.87 7.49
C MET A 397 -7.51 18.42 7.76
N LEU A 398 -6.56 17.53 7.52
CA LEU A 398 -6.75 16.09 7.70
C LEU A 398 -7.13 15.79 9.15
N TYR A 399 -6.47 16.51 10.05
CA TYR A 399 -6.71 16.38 11.47
C TYR A 399 -8.13 16.87 11.75
N MET A 400 -8.40 18.13 11.40
CA MET A 400 -9.70 18.73 11.64
C MET A 400 -10.88 17.88 11.18
N ARG A 401 -10.72 17.13 10.09
CA ARG A 401 -11.84 16.34 9.59
C ARG A 401 -11.88 14.93 10.14
N LEU A 402 -10.89 14.66 11.00
CA LEU A 402 -10.71 13.37 11.62
C LEU A 402 -11.97 12.63 12.08
N ASP A 403 -12.86 13.35 12.75
CA ASP A 403 -14.09 12.78 13.29
C ASP A 403 -14.85 11.78 12.38
N THR A 404 -15.04 12.11 11.11
CA THR A 404 -15.76 11.18 10.21
C THR A 404 -14.83 10.30 9.40
N MET A 405 -13.53 10.41 9.64
CA MET A 405 -12.56 9.62 8.87
C MET A 405 -12.63 8.13 9.16
N ASN A 406 -12.39 7.32 8.15
CA ASN A 406 -12.44 5.90 8.37
C ASN A 406 -11.15 5.45 9.03
N THR A 407 -11.30 4.64 10.08
CA THR A 407 -10.20 4.12 10.87
C THR A 407 -8.99 3.68 10.04
N THR A 408 -9.24 2.85 9.04
CA THR A 408 -8.16 2.33 8.18
C THR A 408 -7.28 3.47 7.69
N CYS A 409 -7.91 4.54 7.25
CA CYS A 409 -7.14 5.66 6.77
C CYS A 409 -6.41 6.31 7.94
N VAL A 410 -7.10 6.41 9.08
CA VAL A 410 -6.51 7.03 10.25
C VAL A 410 -5.17 6.38 10.56
N ASP A 411 -5.16 5.07 10.74
CA ASP A 411 -3.93 4.36 11.02
C ASP A 411 -2.88 4.88 10.06
N ARG A 412 -3.17 4.79 8.78
CA ARG A 412 -2.18 5.21 7.81
C ARG A 412 -1.73 6.61 8.06
N PHE A 413 -2.65 7.43 8.53
CA PHE A 413 -2.36 8.84 8.80
C PHE A 413 -1.35 8.91 9.93
N ILE A 414 -1.69 8.23 11.02
CA ILE A 414 -0.88 8.13 12.23
C ILE A 414 0.50 7.58 11.87
N ASN A 415 0.52 6.56 11.01
CA ASN A 415 1.77 5.94 10.58
C ASN A 415 2.65 6.86 9.78
N TRP A 416 2.01 7.70 8.95
CA TRP A 416 2.73 8.62 8.12
C TRP A 416 3.44 9.75 8.88
N PHE A 417 2.62 10.61 9.47
CA PHE A 417 3.09 11.78 10.19
C PHE A 417 4.24 11.55 11.17
N SER A 418 4.08 10.55 12.03
CA SER A 418 5.11 10.22 13.00
C SER A 418 6.43 10.04 12.25
N HIS A 419 6.39 9.20 11.23
CA HIS A 419 7.56 8.92 10.45
C HIS A 419 8.06 10.25 9.91
N HIS A 420 7.15 10.97 9.28
CA HIS A 420 7.49 12.27 8.70
C HIS A 420 8.20 13.20 9.70
N LEU A 421 7.71 13.20 10.95
CA LEU A 421 8.25 14.01 12.06
C LEU A 421 9.67 13.56 12.44
N SER A 422 9.87 12.25 12.41
CA SER A 422 11.18 11.68 12.77
C SER A 422 12.30 12.14 11.84
N ASN A 423 11.97 12.58 10.64
CA ASN A 423 13.00 13.05 9.72
C ASN A 423 13.10 14.57 9.86
N PHE A 424 12.15 15.17 10.58
CA PHE A 424 12.15 16.63 10.76
C PHE A 424 12.18 17.04 12.25
N GLN A 425 13.23 16.60 12.96
CA GLN A 425 13.42 16.88 14.38
C GLN A 425 12.11 17.03 15.17
N PHE A 426 11.18 16.08 14.97
CA PHE A 426 9.89 16.08 15.66
C PHE A 426 9.30 17.48 15.89
N ARG A 427 9.52 18.39 14.95
CA ARG A 427 9.06 19.76 15.06
C ARG A 427 7.64 20.03 14.55
N TRP A 428 6.73 20.33 15.46
CA TRP A 428 5.33 20.63 15.13
C TRP A 428 4.71 21.62 16.12
N SER A 429 3.90 22.56 15.59
CA SER A 429 3.21 23.56 16.41
C SER A 429 1.91 22.95 17.02
N TRP A 430 2.10 21.98 17.92
CA TRP A 430 1.03 21.24 18.60
C TRP A 430 -0.13 22.06 19.15
N GLU A 431 0.21 23.21 19.73
CA GLU A 431 -0.76 24.12 20.33
C GLU A 431 -1.89 24.49 19.36
N ASP A 432 -1.72 24.11 18.09
CA ASP A 432 -2.75 24.35 17.07
C ASP A 432 -3.80 23.26 17.24
N TRP A 433 -3.40 22.17 17.88
CA TRP A 433 -4.34 21.07 18.13
C TRP A 433 -4.64 21.06 19.61
N SER A 434 -4.61 22.23 20.23
CA SER A 434 -4.89 22.32 21.65
C SER A 434 -6.36 22.07 21.94
N ASP A 435 -7.15 21.97 20.87
CA ASP A 435 -8.59 21.73 20.98
C ASP A 435 -8.95 20.30 21.43
N CYS A 436 -8.02 19.36 21.26
CA CYS A 436 -8.29 17.98 21.63
C CYS A 436 -8.21 17.75 23.14
N LEU A 437 -7.31 18.48 23.80
CA LEU A 437 -7.13 18.36 25.26
C LEU A 437 -8.48 18.47 25.96
N SER A 438 -9.41 19.18 25.32
CA SER A 438 -10.73 19.38 25.89
C SER A 438 -11.78 18.45 25.31
N GLN A 439 -11.34 17.28 24.85
CA GLN A 439 -12.26 16.29 24.30
C GLN A 439 -12.12 14.95 25.00
N ASP A 440 -13.16 14.14 24.85
CA ASP A 440 -13.23 12.80 25.42
C ASP A 440 -12.04 11.99 24.88
N PRO A 441 -11.34 11.25 25.75
CA PRO A 441 -10.19 10.45 25.32
C PRO A 441 -10.50 9.44 24.22
N GLU A 442 -11.72 8.91 24.24
CA GLU A 442 -12.11 7.93 23.24
C GLU A 442 -12.41 8.56 21.88
N SER A 443 -12.48 9.90 21.85
CA SER A 443 -12.77 10.68 20.63
C SER A 443 -11.54 10.70 19.69
N PRO A 444 -11.80 10.65 18.37
CA PRO A 444 -10.78 10.64 17.31
C PRO A 444 -9.62 11.63 17.42
N LYS A 445 -9.94 12.92 17.39
CA LYS A 445 -8.89 13.91 17.45
C LYS A 445 -7.86 13.60 18.55
N PRO A 446 -8.27 13.61 19.84
CA PRO A 446 -7.22 13.32 20.85
C PRO A 446 -6.56 11.93 20.69
N LYS A 447 -7.38 10.94 20.31
CA LYS A 447 -6.90 9.57 20.13
C LYS A 447 -5.78 9.56 19.13
N PHE A 448 -5.88 10.48 18.16
CA PHE A 448 -4.88 10.62 17.12
C PHE A 448 -3.52 10.99 17.72
N VAL A 449 -3.46 12.18 18.30
CA VAL A 449 -2.22 12.67 18.90
C VAL A 449 -1.63 11.59 19.80
N ARG A 450 -2.52 10.88 20.49
CA ARG A 450 -2.04 9.84 21.37
C ARG A 450 -1.24 8.82 20.55
N GLU A 451 -1.96 8.05 19.73
CA GLU A 451 -1.35 7.01 18.89
C GLU A 451 -0.16 7.56 18.13
N VAL A 452 -0.18 8.85 17.81
CA VAL A 452 0.93 9.45 17.09
C VAL A 452 2.17 9.45 17.95
N LEU A 453 2.08 10.14 19.06
CA LEU A 453 3.22 10.24 19.93
C LEU A 453 3.73 8.85 20.30
N GLU A 454 2.80 7.97 20.61
CA GLU A 454 3.12 6.61 21.00
C GLU A 454 4.06 5.94 20.01
N LYS A 455 3.84 6.21 18.72
CA LYS A 455 4.65 5.64 17.64
C LYS A 455 5.99 6.36 17.55
N CYS A 456 5.98 7.67 17.76
CA CYS A 456 7.21 8.44 17.69
C CYS A 456 8.22 7.95 18.70
N MET A 457 7.71 7.55 19.86
CA MET A 457 8.56 7.03 20.94
C MET A 457 9.39 5.87 20.40
N ARG A 458 8.71 4.92 19.75
CA ARG A 458 9.34 3.75 19.18
C ARG A 458 10.37 4.16 18.12
N LEU A 459 10.21 5.33 17.55
CA LEU A 459 11.17 5.80 16.56
C LEU A 459 12.35 6.46 17.25
N SER A 460 12.23 6.56 18.56
CA SER A 460 13.25 7.18 19.41
C SER A 460 13.12 6.57 20.80
N TYR A 461 12.96 7.42 21.82
CA TYR A 461 12.80 6.97 23.20
C TYR A 461 11.84 7.86 24.00
N HIS A 462 11.01 7.23 24.83
CA HIS A 462 10.01 7.92 25.65
C HIS A 462 10.34 9.29 26.24
N GLN A 463 11.60 9.52 26.62
CA GLN A 463 11.96 10.81 27.20
C GLN A 463 11.91 11.94 26.17
N ARG A 464 12.53 11.71 25.01
CA ARG A 464 12.61 12.69 23.90
C ARG A 464 11.26 13.32 23.52
N ILE A 465 10.22 12.52 23.62
CA ILE A 465 8.86 12.93 23.30
C ILE A 465 8.33 13.96 24.32
N LEU A 466 8.66 13.75 25.59
CA LEU A 466 8.21 14.66 26.64
C LEU A 466 8.80 16.06 26.50
N ASP A 467 9.95 16.16 25.84
CA ASP A 467 10.59 17.45 25.66
C ASP A 467 10.11 18.23 24.42
N ILE A 468 9.54 17.51 23.47
CA ILE A 468 9.06 18.12 22.21
C ILE A 468 7.61 18.57 22.26
N VAL A 469 6.85 18.07 23.25
CA VAL A 469 5.45 18.44 23.39
C VAL A 469 5.22 19.53 24.44
N PRO A 470 4.09 20.25 24.35
CA PRO A 470 3.75 21.32 25.31
C PRO A 470 3.34 20.74 26.64
N PRO A 471 3.45 21.53 27.70
CA PRO A 471 3.08 21.04 29.03
C PRO A 471 1.66 20.49 29.12
N THR A 472 0.69 21.16 28.50
CA THR A 472 -0.69 20.69 28.56
C THR A 472 -0.99 19.38 27.81
N PHE A 473 -0.06 18.94 26.95
CA PHE A 473 -0.22 17.71 26.17
C PHE A 473 0.43 16.49 26.85
N SER A 474 1.14 16.77 27.93
CA SER A 474 1.82 15.73 28.69
C SER A 474 0.88 14.58 29.01
N ALA A 475 -0.41 14.87 29.15
CA ALA A 475 -1.41 13.85 29.47
C ALA A 475 -1.54 12.75 28.43
N LEU A 476 -1.58 13.14 27.17
CA LEU A 476 -1.71 12.20 26.05
C LEU A 476 -0.36 11.58 25.70
N CYS A 477 0.68 11.85 26.49
CA CYS A 477 2.01 11.28 26.21
C CYS A 477 2.04 9.78 26.49
N PRO A 478 2.99 9.05 25.87
CA PRO A 478 3.15 7.60 26.03
C PRO A 478 3.47 7.14 27.43
N ALA A 479 2.97 5.95 27.78
CA ALA A 479 3.25 5.36 29.08
C ALA A 479 4.73 4.95 28.96
N ASN A 480 5.40 4.64 30.05
CA ASN A 480 6.79 4.22 29.91
C ASN A 480 6.90 2.69 29.71
N PRO A 481 7.92 2.24 28.95
CA PRO A 481 8.21 0.83 28.64
C PRO A 481 8.62 -0.01 29.85
N THR A 482 7.96 0.19 31.00
CA THR A 482 8.28 -0.55 32.24
C THR A 482 7.75 -1.99 32.28
N CYS A 483 8.65 -2.95 32.53
CA CYS A 483 8.27 -4.35 32.61
C CYS A 483 7.51 -4.55 33.91
N ILE A 484 6.59 -5.51 33.90
CA ILE A 484 5.79 -5.81 35.09
C ILE A 484 6.13 -7.21 35.61
N TYR A 485 7.01 -7.31 36.61
CA TYR A 485 7.40 -8.62 37.18
C TYR A 485 6.51 -8.88 38.38
N LYS A 486 5.51 -9.72 38.18
CA LYS A 486 4.56 -10.08 39.21
C LYS A 486 5.25 -10.62 40.45
N TYR A 487 6.27 -11.44 40.25
CA TYR A 487 7.01 -12.03 41.35
C TYR A 487 8.43 -11.44 41.47
N GLY A 488 8.54 -10.12 41.63
CA GLY A 488 9.85 -9.50 41.73
C GLY A 488 10.18 -8.89 43.09
N ASP A 489 10.04 -7.57 43.19
CA ASP A 489 10.29 -6.85 44.45
C ASP A 489 8.96 -6.74 45.18
N GLU A 490 8.01 -7.47 44.63
CA GLU A 490 6.66 -7.56 45.15
C GLU A 490 6.76 -8.17 46.54
N SER A 491 6.17 -7.50 47.52
CA SER A 491 6.17 -8.00 48.90
C SER A 491 4.93 -8.90 49.07
N SER A 492 4.23 -9.11 47.96
CA SER A 492 3.05 -9.97 47.95
C SER A 492 3.59 -11.38 47.75
N ASN A 493 3.92 -12.03 48.86
CA ASN A 493 4.45 -13.39 48.87
C ASN A 493 3.28 -14.38 48.92
N SER A 494 2.10 -13.83 49.18
CA SER A 494 0.83 -14.57 49.27
C SER A 494 0.43 -15.18 47.93
N LEU A 495 1.26 -14.95 46.90
CA LEU A 495 1.02 -15.45 45.56
C LEU A 495 1.72 -16.80 45.34
N PRO A 496 0.95 -17.84 44.92
CA PRO A 496 1.43 -19.21 44.67
C PRO A 496 2.64 -19.28 43.76
N GLY A 497 3.44 -20.33 43.88
CA GLY A 497 4.61 -20.46 43.04
C GLY A 497 5.57 -19.28 43.09
N HIS A 498 5.48 -18.49 44.18
CA HIS A 498 6.33 -17.30 44.43
C HIS A 498 7.84 -17.68 44.49
N SER A 499 8.13 -18.78 45.17
CA SER A 499 9.50 -19.26 45.32
C SER A 499 10.00 -19.95 44.05
N VAL A 500 9.10 -20.64 43.36
CA VAL A 500 9.48 -21.32 42.13
C VAL A 500 10.14 -20.34 41.17
N ALA A 501 9.55 -19.16 41.07
CA ALA A 501 10.07 -18.11 40.20
C ALA A 501 11.42 -17.59 40.70
N LEU A 502 11.53 -17.44 42.01
CA LEU A 502 12.76 -16.96 42.63
C LEU A 502 13.89 -17.98 42.44
N CYS A 503 13.54 -19.26 42.43
CA CYS A 503 14.53 -20.32 42.25
C CYS A 503 14.93 -20.36 40.79
N LEU A 504 13.93 -20.17 39.93
CA LEU A 504 14.11 -20.17 38.49
C LEU A 504 14.97 -18.96 38.17
N ALA A 505 14.64 -17.85 38.82
CA ALA A 505 15.35 -16.61 38.66
C ALA A 505 16.86 -16.87 38.70
N VAL A 506 17.31 -17.45 39.81
CA VAL A 506 18.72 -17.78 40.02
C VAL A 506 19.19 -18.85 39.00
N ALA A 507 18.25 -19.72 38.61
CA ALA A 507 18.54 -20.79 37.66
C ALA A 507 18.99 -20.21 36.32
N PHE A 508 18.23 -19.24 35.83
CA PHE A 508 18.55 -18.61 34.56
C PHE A 508 19.87 -17.87 34.64
N LYS A 509 20.09 -17.18 35.75
CA LYS A 509 21.30 -16.41 35.94
C LYS A 509 22.54 -17.29 36.02
N SER A 510 22.38 -18.52 36.49
CA SER A 510 23.53 -19.40 36.62
C SER A 510 23.82 -20.22 35.35
N LYS A 511 23.02 -20.02 34.31
CA LYS A 511 23.15 -20.71 33.02
C LYS A 511 22.51 -22.10 33.04
N ALA A 512 21.29 -22.17 33.57
CA ALA A 512 20.53 -23.42 33.66
C ALA A 512 19.99 -23.88 32.30
N THR A 513 19.86 -25.19 32.12
CA THR A 513 19.34 -25.74 30.86
C THR A 513 17.88 -26.16 31.01
N ASN A 514 17.25 -26.56 29.90
CA ASN A 514 15.85 -26.98 29.94
C ASN A 514 15.53 -28.02 31.03
N ASP A 515 16.29 -29.11 31.03
CA ASP A 515 16.07 -30.16 32.02
C ASP A 515 16.24 -29.65 33.45
N GLU A 516 17.14 -28.67 33.62
CA GLU A 516 17.39 -28.06 34.92
C GLU A 516 16.27 -27.06 35.25
N ILE A 517 15.50 -26.71 34.23
CA ILE A 517 14.38 -25.78 34.41
C ILE A 517 13.11 -26.58 34.64
N PHE A 518 13.04 -27.77 34.05
CA PHE A 518 11.88 -28.64 34.21
C PHE A 518 11.79 -29.10 35.66
N SER A 519 12.97 -29.42 36.19
CA SER A 519 13.12 -29.88 37.56
C SER A 519 12.43 -28.91 38.52
N ILE A 520 12.82 -27.64 38.47
CA ILE A 520 12.25 -26.61 39.34
C ILE A 520 10.73 -26.54 39.17
N LEU A 521 10.30 -26.61 37.90
CA LEU A 521 8.90 -26.53 37.52
C LEU A 521 8.07 -27.74 37.92
N LYS A 522 8.72 -28.89 38.04
CA LYS A 522 7.98 -30.07 38.44
C LYS A 522 7.34 -29.87 39.82
N ASP A 523 7.98 -29.04 40.64
CA ASP A 523 7.50 -28.74 42.00
C ASP A 523 6.58 -27.50 41.95
N VAL A 524 5.45 -27.63 41.26
CA VAL A 524 4.48 -26.53 41.14
C VAL A 524 3.03 -27.05 41.24
N PRO A 525 2.16 -26.35 42.02
CA PRO A 525 0.76 -26.77 42.18
C PRO A 525 -0.17 -26.26 41.06
N ASN A 526 -1.35 -26.84 40.92
CA ASN A 526 -2.30 -26.42 39.88
C ASN A 526 -3.64 -26.10 40.57
N PHE A 539 -1.73 -29.17 30.94
CA PHE A 539 -1.99 -27.73 31.13
C PHE A 539 -1.94 -27.28 32.60
N ASN A 540 -1.03 -26.35 32.90
CA ASN A 540 -0.87 -25.80 34.26
C ASN A 540 -0.83 -24.29 34.23
N PRO A 541 -1.90 -23.64 34.71
CA PRO A 541 -1.99 -22.18 34.74
C PRO A 541 -0.80 -21.53 35.44
N LEU A 542 -0.44 -22.10 36.58
CA LEU A 542 0.64 -21.55 37.37
C LEU A 542 2.04 -21.84 36.87
N LYS A 543 2.26 -23.07 36.41
CA LYS A 543 3.59 -23.47 35.95
C LYS A 543 4.06 -22.58 34.79
N ILE A 544 3.09 -22.12 34.00
CA ILE A 544 3.37 -21.26 32.87
C ILE A 544 3.71 -19.87 33.38
N GLU A 545 2.77 -19.31 34.11
CA GLU A 545 2.94 -17.99 34.68
C GLU A 545 4.32 -17.74 35.26
N VAL A 546 4.77 -18.65 36.11
CA VAL A 546 6.07 -18.51 36.74
C VAL A 546 7.25 -18.69 35.78
N PHE A 547 6.99 -19.18 34.57
CA PHE A 547 8.07 -19.39 33.61
C PHE A 547 8.27 -18.15 32.74
N VAL A 548 7.20 -17.77 32.05
CA VAL A 548 7.22 -16.62 31.14
C VAL A 548 7.69 -15.39 31.91
N GLN A 549 6.96 -15.09 32.97
CA GLN A 549 7.26 -13.97 33.80
C GLN A 549 8.74 -13.88 34.13
N THR A 550 9.31 -14.98 34.60
CA THR A 550 10.71 -15.00 35.01
C THR A 550 11.74 -14.82 33.89
N LEU A 551 11.50 -15.48 32.76
CA LEU A 551 12.42 -15.39 31.64
C LEU A 551 12.34 -14.04 30.94
N LEU A 552 11.14 -13.45 30.90
CA LEU A 552 10.99 -12.17 30.25
C LEU A 552 11.59 -11.05 31.07
N HIS A 553 11.69 -11.29 32.37
CA HIS A 553 12.25 -10.29 33.24
C HIS A 553 13.76 -10.14 33.10
N LEU A 554 14.48 -11.24 32.94
CA LEU A 554 15.93 -11.18 32.79
C LEU A 554 16.29 -10.87 31.35
N ALA A 555 15.32 -11.04 30.46
CA ALA A 555 15.50 -10.79 29.03
C ALA A 555 14.75 -9.55 28.62
N ALA A 556 14.33 -8.78 29.60
CA ALA A 556 13.58 -7.56 29.36
C ALA A 556 14.43 -6.40 28.83
N LYS A 557 15.74 -6.46 29.08
CA LYS A 557 16.67 -5.40 28.66
C LYS A 557 16.58 -5.01 27.18
N SER A 558 16.74 -5.99 26.30
CA SER A 558 16.67 -5.75 24.87
C SER A 558 15.80 -6.76 24.15
N PHE A 559 15.66 -6.54 22.85
CA PHE A 559 14.87 -7.42 21.99
C PHE A 559 15.72 -8.64 21.67
N SER A 560 17.02 -8.43 21.72
CA SER A 560 17.97 -9.47 21.42
C SER A 560 17.89 -10.58 22.46
N HIS A 561 17.84 -10.20 23.74
CA HIS A 561 17.76 -11.17 24.83
C HIS A 561 16.46 -11.96 24.81
N SER A 562 15.35 -11.23 24.86
CA SER A 562 14.02 -11.83 24.85
C SER A 562 13.87 -12.95 23.80
N PHE A 563 14.44 -12.71 22.63
CA PHE A 563 14.36 -13.68 21.54
C PHE A 563 15.17 -14.92 21.85
N SER A 564 16.49 -14.77 21.88
CA SER A 564 17.38 -15.90 22.16
C SER A 564 16.87 -16.65 23.37
N ALA A 565 16.29 -15.92 24.32
CA ALA A 565 15.75 -16.58 25.49
C ALA A 565 14.61 -17.52 25.06
N LEU A 566 13.66 -16.99 24.32
CA LEU A 566 12.53 -17.78 23.84
C LEU A 566 13.06 -18.98 23.09
N ALA A 567 14.17 -18.77 22.40
CA ALA A 567 14.82 -19.80 21.60
C ALA A 567 15.49 -20.89 22.44
N LYS A 568 16.28 -20.49 23.43
CA LYS A 568 16.98 -21.44 24.27
C LYS A 568 16.00 -22.34 24.99
N PHE A 569 15.14 -21.76 25.81
CA PHE A 569 14.16 -22.52 26.56
C PHE A 569 12.90 -22.80 25.74
N HIS A 570 13.08 -22.82 24.42
CA HIS A 570 12.01 -23.07 23.47
C HIS A 570 11.29 -24.38 23.82
N GLU A 571 12.08 -25.41 24.17
CA GLU A 571 11.55 -26.72 24.52
C GLU A 571 10.62 -26.66 25.74
N VAL A 572 10.91 -25.73 26.64
CA VAL A 572 10.12 -25.58 27.84
C VAL A 572 8.77 -25.00 27.44
N PHE A 573 8.85 -23.99 26.59
CA PHE A 573 7.67 -23.30 26.10
C PHE A 573 6.75 -24.27 25.36
N LYS A 574 7.31 -24.94 24.36
CA LYS A 574 6.56 -25.90 23.56
C LYS A 574 5.99 -27.05 24.42
N THR A 575 6.57 -27.28 25.59
CA THR A 575 6.09 -28.33 26.47
C THR A 575 4.94 -27.82 27.34
N LEU A 576 5.14 -26.62 27.87
CA LEU A 576 4.13 -25.99 28.69
C LEU A 576 2.87 -25.70 27.90
N ALA A 577 3.04 -25.03 26.76
CA ALA A 577 1.91 -24.68 25.89
C ALA A 577 1.72 -25.67 24.76
N GLU A 578 1.14 -26.83 25.06
CA GLU A 578 0.92 -27.85 24.05
C GLU A 578 -0.57 -27.90 23.72
N SER A 579 -1.31 -27.07 24.44
CA SER A 579 -2.76 -26.95 24.26
C SER A 579 -3.12 -25.51 23.88
N ASP A 580 -4.29 -25.34 23.27
CA ASP A 580 -4.72 -24.01 22.86
C ASP A 580 -4.97 -23.16 24.10
N GLU A 581 -5.40 -23.78 25.19
CA GLU A 581 -5.67 -23.02 26.40
C GLU A 581 -4.36 -22.47 26.95
N GLY A 582 -3.31 -23.27 26.84
CA GLY A 582 -2.00 -22.87 27.31
C GLY A 582 -1.37 -21.82 26.39
N LYS A 583 -1.54 -22.02 25.08
CA LYS A 583 -1.00 -21.09 24.09
C LYS A 583 -1.63 -19.73 24.29
N LEU A 584 -2.84 -19.72 24.81
CA LEU A 584 -3.57 -18.49 25.07
C LEU A 584 -2.99 -17.82 26.30
N HIS A 585 -2.81 -18.62 27.35
CA HIS A 585 -2.28 -18.16 28.63
C HIS A 585 -0.91 -17.48 28.46
N VAL A 586 0.02 -18.16 27.79
CA VAL A 586 1.35 -17.62 27.57
C VAL A 586 1.15 -16.15 27.23
N LEU A 587 0.39 -15.91 26.18
CA LEU A 587 0.11 -14.56 25.68
C LEU A 587 -0.53 -13.70 26.75
N ARG A 588 -1.33 -14.32 27.60
CA ARG A 588 -2.00 -13.62 28.69
C ARG A 588 -0.95 -13.05 29.65
N VAL A 589 -0.10 -13.94 30.14
CA VAL A 589 0.90 -13.51 31.07
C VAL A 589 1.79 -12.47 30.37
N MET A 590 2.34 -12.85 29.23
CA MET A 590 3.22 -11.99 28.43
C MET A 590 2.68 -10.55 28.38
N PHE A 591 1.40 -10.43 28.05
CA PHE A 591 0.72 -9.13 27.99
C PHE A 591 0.76 -8.49 29.38
N GLU A 592 0.41 -9.27 30.41
CA GLU A 592 0.41 -8.81 31.80
C GLU A 592 1.77 -8.25 32.18
N VAL A 593 2.80 -8.72 31.48
CA VAL A 593 4.16 -8.27 31.74
C VAL A 593 4.51 -7.03 30.93
N TRP A 594 4.22 -7.09 29.64
CA TRP A 594 4.56 -5.98 28.75
C TRP A 594 3.46 -5.01 28.28
N ARG A 595 2.32 -5.04 28.96
CA ARG A 595 1.23 -4.14 28.63
C ARG A 595 1.66 -2.69 28.68
N ASN A 596 2.91 -2.40 29.04
CA ASN A 596 3.36 -1.01 29.05
C ASN A 596 4.41 -0.84 27.99
N HIS A 597 4.45 -1.82 27.08
CA HIS A 597 5.42 -1.81 25.99
C HIS A 597 4.89 -2.62 24.80
N PRO A 598 4.07 -1.98 23.94
CA PRO A 598 3.47 -2.59 22.75
C PRO A 598 4.49 -3.18 21.77
N GLN A 599 5.39 -2.35 21.24
CA GLN A 599 6.38 -2.82 20.30
C GLN A 599 6.97 -4.16 20.73
N MET A 600 7.09 -4.32 22.04
CA MET A 600 7.62 -5.53 22.62
C MET A 600 6.57 -6.61 22.42
N ILE A 601 5.33 -6.31 22.81
CA ILE A 601 4.29 -7.31 22.68
C ILE A 601 4.20 -7.80 21.25
N ALA A 602 4.30 -6.85 20.33
CA ALA A 602 4.27 -7.16 18.93
C ALA A 602 5.46 -8.07 18.53
N VAL A 603 6.69 -7.59 18.68
CA VAL A 603 7.84 -8.40 18.29
C VAL A 603 7.86 -9.83 18.84
N LEU A 604 7.29 -10.03 20.02
CA LEU A 604 7.27 -11.35 20.67
C LEU A 604 6.27 -12.29 20.00
N VAL A 605 5.04 -11.82 19.87
CA VAL A 605 3.99 -12.61 19.23
C VAL A 605 4.48 -13.05 17.85
N ASP A 606 5.15 -12.13 17.17
CA ASP A 606 5.70 -12.42 15.86
C ASP A 606 6.61 -13.66 15.99
N LYS A 607 7.77 -13.46 16.64
CA LYS A 607 8.76 -14.53 16.83
C LYS A 607 8.16 -15.75 17.54
N MET A 608 7.11 -15.53 18.31
CA MET A 608 6.50 -16.66 18.98
C MET A 608 5.83 -17.60 18.00
N ILE A 609 5.18 -17.07 16.96
CA ILE A 609 4.51 -17.96 16.01
C ILE A 609 5.51 -18.53 15.01
N ARG A 610 6.50 -17.73 14.61
CA ARG A 610 7.51 -18.19 13.65
C ARG A 610 8.30 -19.42 14.13
N THR A 611 8.36 -19.59 15.45
CA THR A 611 9.07 -20.70 16.08
C THR A 611 8.01 -21.64 16.66
N GLN A 612 6.77 -21.43 16.25
CA GLN A 612 5.66 -22.23 16.69
C GLN A 612 5.47 -22.41 18.19
N ILE A 613 5.72 -21.34 18.95
CA ILE A 613 5.52 -21.38 20.40
C ILE A 613 4.05 -21.05 20.69
N VAL A 614 3.40 -20.49 19.67
CA VAL A 614 1.98 -20.13 19.67
C VAL A 614 1.54 -20.02 18.20
N ASP A 615 0.29 -20.44 17.92
CA ASP A 615 -0.26 -20.42 16.57
C ASP A 615 -1.22 -19.27 16.34
N CYS A 616 -1.60 -19.08 15.08
CA CYS A 616 -2.52 -18.03 14.67
C CYS A 616 -3.86 -18.07 15.45
N ALA A 617 -4.55 -19.21 15.43
CA ALA A 617 -5.81 -19.32 16.15
C ALA A 617 -5.72 -18.73 17.57
N ALA A 618 -4.71 -19.13 18.33
CA ALA A 618 -4.56 -18.61 19.68
C ALA A 618 -4.54 -17.07 19.67
N VAL A 619 -3.61 -16.48 18.92
CA VAL A 619 -3.51 -15.01 18.85
C VAL A 619 -4.86 -14.37 18.52
N ALA A 620 -5.74 -15.15 17.89
CA ALA A 620 -7.04 -14.63 17.52
C ALA A 620 -7.94 -14.49 18.74
N ASN A 621 -8.13 -15.62 19.43
CA ASN A 621 -8.95 -15.64 20.61
C ASN A 621 -8.34 -14.71 21.67
N TRP A 622 -7.05 -14.42 21.53
CA TRP A 622 -6.40 -13.52 22.47
C TRP A 622 -6.71 -12.07 22.15
N ILE A 623 -6.74 -11.75 20.87
CA ILE A 623 -7.04 -10.39 20.45
C ILE A 623 -8.48 -10.03 20.82
N PHE A 624 -9.34 -11.05 20.85
CA PHE A 624 -10.75 -10.86 21.19
C PHE A 624 -11.11 -11.23 22.63
N SER A 625 -10.09 -11.22 23.48
CA SER A 625 -10.22 -11.53 24.91
C SER A 625 -10.43 -10.29 25.79
N SER A 626 -11.11 -10.56 26.91
CA SER A 626 -11.48 -9.57 27.91
C SER A 626 -10.30 -8.85 28.58
N GLU A 627 -9.12 -9.45 28.50
CA GLU A 627 -7.93 -8.83 29.08
C GLU A 627 -7.51 -7.63 28.21
N LEU A 628 -7.79 -7.71 26.91
CA LEU A 628 -7.43 -6.66 25.94
C LEU A 628 -8.58 -5.71 25.59
N SER A 629 -9.67 -5.75 26.36
CA SER A 629 -10.82 -4.89 26.08
C SER A 629 -10.54 -3.39 26.25
N ARG A 630 -9.68 -3.01 27.19
CA ARG A 630 -9.35 -1.61 27.46
C ARG A 630 -8.40 -1.00 26.44
N ASP A 631 -7.83 -1.87 25.59
CA ASP A 631 -6.88 -1.48 24.56
C ASP A 631 -7.39 -1.86 23.15
N PHE A 632 -8.49 -2.61 23.12
CA PHE A 632 -9.16 -3.11 21.90
C PHE A 632 -9.23 -2.12 20.75
N THR A 633 -9.12 -0.83 21.05
CA THR A 633 -9.18 0.19 20.01
C THR A 633 -7.80 0.77 19.69
N ARG A 634 -6.79 0.40 20.48
CA ARG A 634 -5.46 0.91 20.21
C ARG A 634 -4.78 0.17 19.04
N LEU A 635 -4.12 0.96 18.20
CA LEU A 635 -3.43 0.46 17.01
C LEU A 635 -2.66 -0.86 17.11
N PHE A 636 -1.62 -0.87 17.95
CA PHE A 636 -0.77 -2.03 18.07
C PHE A 636 -1.59 -3.30 18.05
N VAL A 637 -2.70 -3.27 18.77
CA VAL A 637 -3.52 -4.47 18.85
C VAL A 637 -3.72 -5.13 17.48
N TRP A 638 -4.44 -4.44 16.60
CA TRP A 638 -4.77 -4.90 15.26
C TRP A 638 -3.54 -5.10 14.41
N GLU A 639 -2.50 -4.31 14.69
CA GLU A 639 -1.24 -4.39 13.98
C GLU A 639 -0.78 -5.86 14.09
N ILE A 640 -0.82 -6.35 15.32
CA ILE A 640 -0.42 -7.72 15.60
C ILE A 640 -1.38 -8.63 14.82
N LEU A 641 -2.66 -8.55 15.13
CA LEU A 641 -3.63 -9.38 14.45
C LEU A 641 -3.31 -9.50 12.96
N HIS A 642 -2.91 -8.40 12.32
CA HIS A 642 -2.60 -8.41 10.89
C HIS A 642 -1.26 -9.08 10.62
N SER A 643 -0.29 -8.80 11.48
CA SER A 643 1.02 -9.41 11.33
C SER A 643 0.73 -10.92 11.28
N THR A 644 0.01 -11.40 12.30
CA THR A 644 -0.36 -12.80 12.41
C THR A 644 -1.02 -13.34 11.16
N ILE A 645 -1.83 -12.50 10.55
CA ILE A 645 -2.53 -12.90 9.35
C ILE A 645 -1.61 -12.96 8.14
N ARG A 646 -0.81 -11.90 7.96
CA ARG A 646 0.09 -11.88 6.83
C ARG A 646 0.97 -13.12 6.85
N LYS A 647 1.60 -13.36 8.01
CA LYS A 647 2.48 -14.52 8.18
C LYS A 647 1.77 -15.83 7.84
N MET A 648 0.45 -15.82 8.00
CA MET A 648 -0.34 -16.98 7.66
C MET A 648 -0.47 -16.90 6.14
N ASN A 649 -0.81 -15.72 5.64
CA ASN A 649 -0.96 -15.55 4.19
C ASN A 649 0.30 -15.88 3.42
N LYS A 650 1.44 -15.48 3.93
CA LYS A 650 2.69 -15.77 3.26
C LYS A 650 2.93 -17.30 3.25
N HIS A 651 2.65 -17.93 4.39
CA HIS A 651 2.85 -19.38 4.57
C HIS A 651 2.15 -20.15 3.47
N VAL A 652 0.86 -19.90 3.28
CA VAL A 652 0.14 -20.61 2.26
C VAL A 652 0.84 -20.49 0.91
N LEU A 653 1.04 -19.26 0.43
CA LEU A 653 1.69 -19.01 -0.83
C LEU A 653 3.00 -19.75 -0.99
N LYS A 654 3.81 -19.82 0.06
CA LYS A 654 5.09 -20.47 -0.08
C LYS A 654 4.91 -21.94 -0.44
N ILE A 655 4.12 -22.63 0.38
CA ILE A 655 3.85 -24.05 0.15
C ILE A 655 3.17 -24.25 -1.20
N GLN A 656 2.60 -23.19 -1.77
CA GLN A 656 1.95 -23.28 -3.10
C GLN A 656 3.02 -23.25 -4.17
N LYS A 657 4.08 -22.47 -3.93
CA LYS A 657 5.16 -22.36 -4.88
C LYS A 657 6.08 -23.56 -4.74
N GLU A 658 6.25 -24.07 -3.52
CA GLU A 658 7.12 -25.23 -3.36
C GLU A 658 6.49 -26.46 -4.03
N LEU A 659 5.16 -26.48 -4.12
CA LEU A 659 4.44 -27.60 -4.74
C LEU A 659 4.36 -27.38 -6.27
N GLU A 660 4.28 -26.11 -6.67
CA GLU A 660 4.21 -25.69 -8.08
C GLU A 660 5.57 -25.95 -8.78
N GLU A 661 6.64 -25.93 -7.99
CA GLU A 661 7.98 -26.16 -8.52
C GLU A 661 8.28 -27.64 -8.49
N ALA A 662 7.76 -28.29 -7.48
CA ALA A 662 7.96 -29.72 -7.31
C ALA A 662 7.38 -30.45 -8.51
N LYS A 663 6.09 -30.27 -8.75
CA LYS A 663 5.43 -30.95 -9.87
C LYS A 663 6.24 -30.83 -11.16
N GLU A 664 6.89 -29.69 -11.37
CA GLU A 664 7.69 -29.43 -12.57
C GLU A 664 8.94 -30.31 -12.67
N LYS A 665 8.93 -31.45 -12.00
CA LYS A 665 10.05 -32.36 -12.04
C LYS A 665 9.51 -33.78 -12.12
N LEU A 688 11.24 -40.89 -4.77
CA LEU A 688 11.86 -39.55 -4.83
C LEU A 688 10.86 -38.39 -4.61
N GLU A 689 9.91 -38.25 -5.54
CA GLU A 689 8.89 -37.21 -5.51
C GLU A 689 7.87 -37.34 -4.41
N GLU A 690 8.04 -38.30 -3.48
CA GLU A 690 7.09 -38.48 -2.39
C GLU A 690 7.05 -37.16 -1.61
N GLN A 691 7.79 -36.19 -2.15
CA GLN A 691 7.88 -34.83 -1.61
C GLN A 691 6.57 -34.14 -1.98
N ILE A 692 6.12 -34.36 -3.22
CA ILE A 692 4.87 -33.77 -3.65
C ILE A 692 3.73 -34.26 -2.75
N GLU A 693 3.75 -35.55 -2.40
CA GLU A 693 2.72 -36.11 -1.53
C GLU A 693 2.78 -35.35 -0.21
N ARG A 694 3.99 -35.19 0.31
CA ARG A 694 4.21 -34.49 1.56
C ARG A 694 3.75 -33.03 1.50
N LEU A 695 4.06 -32.35 0.40
CA LEU A 695 3.66 -30.96 0.25
C LEU A 695 2.17 -30.80 0.04
N GLN A 696 1.63 -31.59 -0.89
CA GLN A 696 0.21 -31.57 -1.20
C GLN A 696 -0.60 -31.67 0.09
N GLU A 697 -0.20 -32.60 0.94
CA GLU A 697 -0.83 -32.82 2.21
C GLU A 697 -0.61 -31.61 3.11
N LYS A 698 0.53 -30.92 2.92
CA LYS A 698 0.86 -29.73 3.73
C LYS A 698 0.02 -28.52 3.29
N VAL A 699 -0.22 -28.37 2.00
CA VAL A 699 -1.04 -27.26 1.50
C VAL A 699 -2.41 -27.40 2.18
N GLU A 700 -2.99 -28.59 2.09
CA GLU A 700 -4.30 -28.87 2.68
C GLU A 700 -4.37 -28.32 4.10
N SER A 701 -3.36 -28.66 4.90
CA SER A 701 -3.29 -28.22 6.29
C SER A 701 -2.95 -26.73 6.41
N ALA A 702 -2.18 -26.23 5.45
CA ALA A 702 -1.81 -24.83 5.49
C ALA A 702 -3.03 -23.95 5.23
N GLN A 703 -3.95 -24.45 4.42
CA GLN A 703 -5.13 -23.65 4.13
C GLN A 703 -6.18 -23.83 5.22
N SER A 704 -6.44 -25.09 5.56
CA SER A 704 -7.39 -25.44 6.60
C SER A 704 -7.27 -24.48 7.77
N GLU A 705 -6.03 -24.27 8.24
CA GLU A 705 -5.75 -23.37 9.38
C GLU A 705 -6.03 -21.93 8.97
N GLN A 706 -5.72 -21.61 7.71
CA GLN A 706 -5.96 -20.26 7.18
C GLN A 706 -7.48 -19.96 7.18
N LYS A 707 -8.29 -20.95 6.81
CA LYS A 707 -9.74 -20.75 6.77
C LYS A 707 -10.23 -20.53 8.21
N ASN A 708 -9.89 -21.48 9.06
CA ASN A 708 -10.25 -21.43 10.46
C ASN A 708 -9.98 -20.03 11.00
N LEU A 709 -8.78 -19.50 10.70
CA LEU A 709 -8.36 -18.16 11.16
C LEU A 709 -9.41 -17.09 10.93
N PHE A 710 -9.75 -16.88 9.66
CA PHE A 710 -10.76 -15.89 9.29
C PHE A 710 -12.10 -16.27 9.90
N LEU A 711 -12.42 -17.56 9.84
CA LEU A 711 -13.65 -18.01 10.45
C LEU A 711 -13.70 -17.56 11.91
N VAL A 712 -12.57 -17.62 12.59
CA VAL A 712 -12.56 -17.19 13.96
C VAL A 712 -12.73 -15.68 14.04
N ILE A 713 -11.79 -14.96 13.47
CA ILE A 713 -11.82 -13.50 13.50
C ILE A 713 -13.19 -12.92 13.23
N PHE A 714 -14.00 -13.66 12.49
CA PHE A 714 -15.33 -13.19 12.18
C PHE A 714 -16.30 -13.60 13.28
N GLN A 715 -16.45 -14.91 13.47
CA GLN A 715 -17.35 -15.42 14.50
C GLN A 715 -17.21 -14.56 15.75
N ARG A 716 -15.97 -14.28 16.17
CA ARG A 716 -15.75 -13.47 17.37
C ARG A 716 -16.17 -12.04 17.13
N PHE A 717 -15.97 -11.57 15.90
CA PHE A 717 -16.32 -10.21 15.57
C PHE A 717 -17.83 -10.00 15.60
N ILE A 718 -18.57 -11.01 15.19
CA ILE A 718 -20.01 -10.87 15.20
C ILE A 718 -20.47 -10.89 16.67
N MET A 719 -19.82 -11.75 17.46
CA MET A 719 -20.13 -11.91 18.90
C MET A 719 -20.08 -10.62 19.68
N ILE A 720 -19.02 -9.82 19.49
CA ILE A 720 -18.86 -8.54 20.20
C ILE A 720 -19.59 -7.36 19.58
N LEU A 721 -20.25 -7.64 18.45
CA LEU A 721 -21.01 -6.64 17.74
C LEU A 721 -22.48 -6.80 18.10
N THR A 722 -23.06 -7.93 17.71
CA THR A 722 -24.47 -8.15 18.04
C THR A 722 -24.65 -7.88 19.53
N GLU A 723 -23.58 -8.08 20.30
CA GLU A 723 -23.62 -7.87 21.75
C GLU A 723 -23.84 -6.39 22.07
N HIS A 724 -23.32 -5.52 21.23
CA HIS A 724 -23.46 -4.08 21.41
C HIS A 724 -24.74 -3.57 20.74
N LEU A 725 -25.09 -4.15 19.62
CA LEU A 725 -26.28 -3.71 18.92
C LEU A 725 -27.56 -3.97 19.73
N VAL A 726 -27.62 -5.13 20.40
CA VAL A 726 -28.82 -5.47 21.18
C VAL A 726 -28.84 -4.68 22.51
N ARG A 727 -27.65 -4.25 22.94
CA ARG A 727 -27.49 -3.48 24.16
C ARG A 727 -28.05 -2.07 24.00
N CYS A 728 -27.63 -1.35 22.97
CA CYS A 728 -28.12 0.01 22.76
C CYS A 728 -29.57 0.01 22.34
N GLU A 729 -30.11 -1.18 22.10
CA GLU A 729 -31.50 -1.34 21.67
C GLU A 729 -32.40 -1.55 22.89
N THR A 730 -31.88 -2.26 23.89
CA THR A 730 -32.62 -2.54 25.11
C THR A 730 -32.62 -1.33 26.04
N ASP A 731 -31.52 -0.61 26.05
CA ASP A 731 -31.39 0.59 26.90
C ASP A 731 -31.87 1.83 26.13
N GLY A 732 -31.82 1.75 24.80
CA GLY A 732 -32.24 2.87 23.97
C GLY A 732 -31.10 3.87 23.77
N THR A 733 -29.88 3.46 24.12
CA THR A 733 -28.70 4.31 23.98
C THR A 733 -28.21 4.41 22.52
N SER A 734 -27.33 5.38 22.25
CA SER A 734 -26.77 5.60 20.91
C SER A 734 -25.84 4.46 20.47
N VAL A 735 -25.98 4.05 19.23
CA VAL A 735 -25.16 2.98 18.67
C VAL A 735 -23.79 3.51 18.29
N LEU A 736 -23.78 4.71 17.72
CA LEU A 736 -22.57 5.36 17.25
C LEU A 736 -21.64 5.75 18.37
N THR A 737 -21.08 4.74 19.01
CA THR A 737 -20.16 4.99 20.09
C THR A 737 -18.75 4.94 19.49
N PRO A 738 -17.81 5.69 20.09
CA PRO A 738 -16.44 5.70 19.58
C PRO A 738 -15.86 4.29 19.43
N TRP A 739 -16.30 3.40 20.30
CA TRP A 739 -15.85 2.02 20.34
C TRP A 739 -16.53 1.22 19.25
N TYR A 740 -17.78 1.57 18.95
CA TYR A 740 -18.52 0.88 17.90
C TYR A 740 -17.96 1.25 16.57
N LYS A 741 -17.61 2.53 16.45
CA LYS A 741 -17.02 2.99 15.22
C LYS A 741 -15.84 2.07 14.91
N ASN A 742 -14.82 2.14 15.77
CA ASN A 742 -13.63 1.30 15.58
C ASN A 742 -13.96 -0.18 15.34
N CYS A 743 -14.58 -0.82 16.32
CA CYS A 743 -14.94 -2.22 16.15
C CYS A 743 -15.58 -2.55 14.79
N ILE A 744 -16.64 -1.85 14.42
CA ILE A 744 -17.29 -2.14 13.15
C ILE A 744 -16.44 -1.89 11.92
N GLU A 745 -15.71 -0.78 11.89
CA GLU A 745 -14.88 -0.49 10.75
C GLU A 745 -13.70 -1.49 10.68
N ARG A 746 -13.22 -1.95 11.83
CA ARG A 746 -12.11 -2.89 11.83
C ARG A 746 -12.53 -4.16 11.13
N LEU A 747 -13.74 -4.62 11.44
CA LEU A 747 -14.30 -5.80 10.80
C LEU A 747 -14.28 -5.58 9.29
N GLN A 748 -14.39 -4.30 8.90
CA GLN A 748 -14.38 -3.89 7.50
C GLN A 748 -12.94 -3.96 6.97
N GLN A 749 -11.99 -3.50 7.78
CA GLN A 749 -10.58 -3.54 7.42
C GLN A 749 -10.11 -4.98 7.10
N ILE A 750 -10.73 -5.96 7.74
CA ILE A 750 -10.33 -7.34 7.48
C ILE A 750 -10.80 -7.70 6.08
N PHE A 751 -12.04 -7.32 5.80
CA PHE A 751 -12.64 -7.60 4.51
C PHE A 751 -11.88 -6.85 3.42
N LEU A 752 -11.31 -5.69 3.76
CA LEU A 752 -10.59 -4.87 2.77
C LEU A 752 -9.15 -5.26 2.47
N GLN A 753 -8.36 -5.59 3.49
CA GLN A 753 -6.98 -5.98 3.20
C GLN A 753 -6.83 -7.39 2.69
N HIS A 754 -7.61 -8.31 3.24
CA HIS A 754 -7.50 -9.68 2.82
C HIS A 754 -8.65 -10.16 1.95
N HIS A 755 -9.28 -9.25 1.20
CA HIS A 755 -10.39 -9.63 0.33
C HIS A 755 -10.02 -10.79 -0.58
N GLN A 756 -8.90 -10.67 -1.29
CA GLN A 756 -8.46 -11.69 -2.20
C GLN A 756 -8.63 -13.11 -1.68
N ILE A 757 -8.14 -13.34 -0.46
CA ILE A 757 -8.21 -14.67 0.12
C ILE A 757 -9.62 -15.08 0.49
N ILE A 758 -10.29 -14.19 1.23
CA ILE A 758 -11.65 -14.42 1.71
C ILE A 758 -12.65 -14.95 0.68
N GLN A 759 -12.59 -14.39 -0.53
CA GLN A 759 -13.49 -14.82 -1.59
C GLN A 759 -13.52 -16.32 -1.70
N GLN A 760 -12.53 -16.98 -1.11
CA GLN A 760 -12.44 -18.44 -1.19
C GLN A 760 -13.41 -19.18 -0.27
N TYR A 761 -14.04 -18.45 0.65
CA TYR A 761 -14.97 -19.07 1.59
C TYR A 761 -16.42 -18.57 1.41
N MET A 762 -16.76 -18.18 0.19
CA MET A 762 -18.10 -17.68 -0.11
C MET A 762 -19.19 -18.66 0.29
N VAL A 763 -18.91 -19.93 0.04
CA VAL A 763 -19.87 -20.95 0.36
C VAL A 763 -20.13 -20.96 1.84
N THR A 764 -19.11 -20.60 2.61
CA THR A 764 -19.23 -20.59 4.06
C THR A 764 -19.74 -19.24 4.59
N LEU A 765 -19.04 -18.16 4.29
CA LEU A 765 -19.47 -16.86 4.75
C LEU A 765 -20.95 -16.58 4.45
N GLU A 766 -21.27 -16.55 3.17
CA GLU A 766 -22.62 -16.27 2.67
C GLU A 766 -23.77 -16.99 3.36
N ASN A 767 -23.74 -18.32 3.32
CA ASN A 767 -24.79 -19.12 3.92
C ASN A 767 -24.69 -19.49 5.39
N LEU A 768 -23.54 -19.25 6.02
CA LEU A 768 -23.41 -19.63 7.41
C LEU A 768 -23.06 -18.51 8.37
N LEU A 769 -21.98 -17.79 8.10
CA LEU A 769 -21.57 -16.72 9.02
C LEU A 769 -22.26 -15.38 8.88
N PHE A 770 -22.81 -15.11 7.70
CA PHE A 770 -23.49 -13.83 7.50
C PHE A 770 -24.81 -14.10 6.80
N THR A 771 -25.86 -14.34 7.59
CA THR A 771 -27.17 -14.61 7.04
C THR A 771 -28.15 -13.56 7.51
N ALA A 772 -29.37 -13.66 7.01
CA ALA A 772 -30.42 -12.73 7.35
C ALA A 772 -30.52 -12.32 8.83
N GLU A 773 -30.73 -13.32 9.69
CA GLU A 773 -30.87 -13.11 11.13
C GLU A 773 -29.86 -12.15 11.72
N LEU A 774 -28.71 -12.03 11.07
CA LEU A 774 -27.69 -11.10 11.54
C LEU A 774 -28.15 -9.67 11.37
N ASP A 775 -27.95 -8.87 12.42
CA ASP A 775 -28.33 -7.49 12.42
C ASP A 775 -27.87 -6.84 11.11
N PRO A 776 -28.67 -5.94 10.54
CA PRO A 776 -28.35 -5.25 9.28
C PRO A 776 -27.08 -4.41 9.28
N HIS A 777 -26.72 -3.81 10.41
CA HIS A 777 -25.50 -2.99 10.50
C HIS A 777 -24.25 -3.82 10.22
N ILE A 778 -24.28 -5.07 10.64
CA ILE A 778 -23.17 -6.00 10.45
C ILE A 778 -23.26 -6.52 9.02
N LEU A 779 -24.25 -7.36 8.75
CA LEU A 779 -24.45 -7.95 7.42
C LEU A 779 -24.08 -6.94 6.35
N ALA A 780 -24.43 -5.67 6.60
CA ALA A 780 -24.12 -4.60 5.66
C ALA A 780 -22.69 -4.74 5.12
N VAL A 781 -21.71 -4.79 6.02
CA VAL A 781 -20.30 -4.89 5.61
C VAL A 781 -19.94 -6.10 4.74
N PHE A 782 -20.60 -7.22 4.97
CA PHE A 782 -20.37 -8.42 4.17
C PHE A 782 -20.89 -8.15 2.75
N GLN A 783 -22.11 -7.61 2.65
CA GLN A 783 -22.78 -7.28 1.37
C GLN A 783 -22.06 -6.18 0.66
N GLN A 784 -21.31 -5.43 1.45
CA GLN A 784 -20.49 -4.35 0.94
C GLN A 784 -19.33 -5.08 0.29
N PHE A 785 -18.64 -5.86 1.11
CA PHE A 785 -17.51 -6.62 0.65
C PHE A 785 -17.86 -7.28 -0.68
N CYS A 786 -19.07 -7.80 -0.81
CA CYS A 786 -19.43 -8.45 -2.04
C CYS A 786 -19.51 -7.52 -3.24
N ALA A 787 -19.73 -6.24 -2.98
CA ALA A 787 -19.87 -5.23 -4.04
C ALA A 787 -18.60 -5.00 -4.83
N LEU A 788 -17.47 -5.46 -4.29
CA LEU A 788 -16.20 -5.31 -4.95
C LEU A 788 -16.05 -6.19 -6.19
N GLN A 789 -16.51 -7.42 -6.06
CA GLN A 789 -16.43 -8.40 -7.14
C GLN A 789 -17.79 -8.69 -7.78
N ALA A 790 -18.63 -7.65 -7.78
CA ALA A 790 -19.98 -7.68 -8.36
C ALA A 790 -20.51 -6.26 -8.65
N LEU B 6 9.80 -2.24 -19.34
CA LEU B 6 10.30 -2.72 -20.63
C LEU B 6 11.13 -1.62 -21.27
N LYS B 7 11.18 -0.46 -20.61
CA LYS B 7 11.94 0.68 -21.11
C LYS B 7 12.96 1.19 -20.09
N ALA B 8 13.08 2.52 -19.96
CA ALA B 8 14.00 3.16 -19.02
C ALA B 8 13.27 3.58 -17.76
N LEU B 9 12.10 2.99 -17.56
CA LEU B 9 11.29 3.22 -16.40
C LEU B 9 11.44 1.94 -15.60
N ARG B 10 12.30 1.07 -16.10
CA ARG B 10 12.57 -0.21 -15.45
C ARG B 10 13.65 0.07 -14.43
N SER B 11 14.40 1.15 -14.69
CA SER B 11 15.51 1.59 -13.83
C SER B 11 15.21 1.63 -12.35
N ASP B 12 16.21 1.26 -11.56
CA ASP B 12 16.10 1.25 -10.11
C ASP B 12 17.39 1.76 -9.46
N SER B 13 17.76 2.99 -9.79
CA SER B 13 18.98 3.60 -9.30
C SER B 13 19.29 3.36 -7.84
N TYR B 14 18.27 3.31 -6.99
CA TYR B 14 18.48 3.12 -5.56
C TYR B 14 18.81 1.67 -5.14
N VAL B 15 18.35 0.69 -5.92
CA VAL B 15 18.61 -0.71 -5.62
C VAL B 15 19.72 -1.25 -6.50
N GLU B 16 20.23 -0.40 -7.40
CA GLU B 16 21.28 -0.82 -8.30
C GLU B 16 22.43 -1.39 -7.48
N LEU B 17 22.87 -2.59 -7.84
CA LEU B 17 23.88 -3.29 -7.05
C LEU B 17 25.35 -3.21 -7.43
N SER B 18 25.93 -2.02 -7.45
CA SER B 18 27.37 -1.96 -7.68
C SER B 18 28.02 -0.69 -7.18
N GLN B 19 27.25 0.38 -7.11
CA GLN B 19 27.80 1.65 -6.68
C GLN B 19 29.16 1.86 -7.39
N TYR B 20 29.20 1.51 -8.69
CA TYR B 20 30.39 1.56 -9.57
C TYR B 20 31.54 2.49 -9.16
N ARG B 21 32.31 2.03 -8.16
CA ARG B 21 33.46 2.75 -7.64
C ARG B 21 34.66 2.46 -8.56
N ASP B 22 35.12 3.50 -9.27
CA ASP B 22 36.27 3.42 -10.18
C ASP B 22 37.50 3.39 -9.25
N GLN B 23 37.59 2.27 -8.54
CA GLN B 23 38.63 1.94 -7.57
C GLN B 23 39.10 0.51 -7.94
N HIS B 24 40.22 0.06 -7.39
CA HIS B 24 40.76 -1.25 -7.75
C HIS B 24 40.09 -2.58 -7.29
N PHE B 25 40.53 -3.19 -6.18
CA PHE B 25 39.92 -4.47 -5.79
C PHE B 25 39.30 -4.78 -4.40
N ARG B 26 37.96 -4.85 -4.40
CA ARG B 26 37.10 -5.20 -3.24
C ARG B 26 35.72 -5.66 -3.78
N GLY B 27 35.75 -6.39 -4.89
CA GLY B 27 34.54 -6.90 -5.51
C GLY B 27 34.77 -7.01 -7.01
N ASP B 28 35.41 -8.08 -7.44
CA ASP B 28 35.68 -8.27 -8.86
C ASP B 28 35.05 -9.51 -9.49
N ASN B 29 35.00 -10.62 -8.73
CA ASN B 29 34.41 -11.87 -9.24
C ASN B 29 33.00 -12.07 -8.69
N GLU B 30 32.16 -12.69 -9.52
CA GLU B 30 30.76 -12.94 -9.15
C GLU B 30 30.61 -14.14 -8.20
N GLU B 31 31.72 -14.70 -7.74
CA GLU B 31 31.66 -15.81 -6.81
C GLU B 31 31.09 -15.25 -5.51
N GLN B 32 31.19 -13.93 -5.39
CA GLN B 32 30.63 -13.20 -4.27
C GLN B 32 29.40 -12.52 -4.88
N GLU B 33 29.62 -11.43 -5.61
CA GLU B 33 28.59 -10.70 -6.31
C GLU B 33 27.28 -11.52 -6.44
N LYS B 34 27.42 -12.79 -6.83
CA LYS B 34 26.29 -13.73 -6.97
C LYS B 34 25.35 -13.64 -5.76
N LEU B 35 25.94 -13.59 -4.59
CA LEU B 35 25.22 -13.52 -3.32
C LEU B 35 24.65 -12.13 -3.06
N LEU B 36 25.36 -11.10 -3.51
CA LEU B 36 24.90 -9.74 -3.34
C LEU B 36 23.47 -9.53 -3.87
N LYS B 37 23.30 -9.72 -5.18
CA LYS B 37 22.00 -9.53 -5.84
C LYS B 37 20.91 -10.55 -5.47
N LYS B 38 21.26 -11.51 -4.62
CA LYS B 38 20.33 -12.53 -4.19
C LYS B 38 20.24 -12.48 -2.66
N SER B 39 20.70 -11.36 -2.09
CA SER B 39 20.70 -11.17 -0.63
C SER B 39 19.47 -10.46 -0.08
N CYS B 40 19.25 -10.66 1.21
CA CYS B 40 18.13 -10.04 1.90
C CYS B 40 18.63 -9.31 3.11
N THR B 41 19.95 -9.24 3.23
CA THR B 41 20.55 -8.59 4.37
C THR B 41 21.32 -7.35 3.91
N LEU B 42 20.92 -6.20 4.44
CA LEU B 42 21.55 -4.92 4.13
C LEU B 42 22.49 -4.45 5.22
N TYR B 43 23.60 -3.84 4.83
CA TYR B 43 24.57 -3.33 5.79
C TYR B 43 24.20 -1.90 6.08
N VAL B 44 23.81 -1.63 7.30
CA VAL B 44 23.43 -0.28 7.63
C VAL B 44 24.56 0.37 8.39
N GLY B 45 25.08 1.47 7.85
CA GLY B 45 26.17 2.18 8.49
C GLY B 45 25.90 3.63 8.87
N ASN B 46 26.67 4.14 9.83
CA ASN B 46 26.55 5.52 10.33
C ASN B 46 25.33 5.71 11.27
N LEU B 47 25.11 4.79 12.20
CA LEU B 47 24.01 4.92 13.15
C LEU B 47 24.53 5.73 14.34
N SER B 48 23.62 6.18 15.20
CA SER B 48 23.97 6.93 16.39
C SER B 48 24.49 5.97 17.44
N PHE B 49 25.54 6.37 18.14
CA PHE B 49 26.14 5.54 19.17
C PHE B 49 25.13 5.05 20.20
N TYR B 50 23.99 5.73 20.31
CA TYR B 50 22.99 5.32 21.27
C TYR B 50 21.69 4.86 20.59
N THR B 51 21.80 4.37 19.35
CA THR B 51 20.64 3.89 18.62
C THR B 51 20.38 2.45 19.09
N THR B 52 19.13 2.13 19.44
CA THR B 52 18.80 0.79 19.93
C THR B 52 18.24 -0.16 18.87
N GLU B 53 18.25 -1.44 19.21
CA GLU B 53 17.73 -2.49 18.35
C GLU B 53 16.23 -2.22 18.16
N GLU B 54 15.51 -1.97 19.25
CA GLU B 54 14.08 -1.67 19.20
C GLU B 54 13.74 -0.59 18.16
N GLN B 55 14.55 0.44 18.08
CA GLN B 55 14.29 1.52 17.13
C GLN B 55 14.45 1.03 15.69
N ILE B 56 15.59 0.44 15.35
CA ILE B 56 15.80 -0.04 14.00
C ILE B 56 14.63 -0.94 13.59
N TYR B 57 14.19 -1.79 14.51
CA TYR B 57 13.07 -2.69 14.23
C TYR B 57 11.86 -1.91 13.64
N GLU B 58 11.42 -0.87 14.32
CA GLU B 58 10.26 -0.09 13.87
C GLU B 58 10.45 0.46 12.47
N LEU B 59 11.56 1.14 12.26
CA LEU B 59 11.84 1.75 10.96
C LEU B 59 11.93 0.79 9.78
N PHE B 60 12.79 -0.23 9.90
CA PHE B 60 12.94 -1.16 8.80
C PHE B 60 11.78 -2.13 8.62
N SER B 61 10.76 -2.02 9.46
CA SER B 61 9.62 -2.93 9.30
C SER B 61 8.54 -2.31 8.45
N LYS B 62 8.66 -1.01 8.21
CA LYS B 62 7.67 -0.32 7.41
C LYS B 62 7.89 -0.65 5.95
N SER B 63 9.00 -1.31 5.64
CA SER B 63 9.31 -1.72 4.28
C SER B 63 9.23 -3.25 4.16
N GLY B 64 8.72 -3.91 5.20
CA GLY B 64 8.60 -5.36 5.20
C GLY B 64 9.18 -6.04 6.44
N ASP B 65 8.63 -7.21 6.77
CA ASP B 65 9.02 -8.01 7.94
C ASP B 65 10.49 -8.37 8.03
N ILE B 66 11.08 -8.08 9.19
CA ILE B 66 12.49 -8.35 9.43
C ILE B 66 12.74 -9.69 10.13
N LYS B 67 13.93 -10.26 9.93
CA LYS B 67 14.28 -11.55 10.54
C LYS B 67 15.16 -11.33 11.77
N LYS B 68 16.32 -10.75 11.53
CA LYS B 68 17.24 -10.50 12.62
C LYS B 68 18.11 -9.27 12.41
N ILE B 69 18.32 -8.52 13.48
CA ILE B 69 19.16 -7.33 13.42
C ILE B 69 20.39 -7.59 14.28
N ILE B 70 21.58 -7.51 13.67
CA ILE B 70 22.84 -7.73 14.39
C ILE B 70 23.54 -6.39 14.68
N MET B 71 23.44 -5.91 15.91
CA MET B 71 24.06 -4.66 16.32
C MET B 71 25.59 -4.64 16.22
N GLY B 72 26.12 -3.63 15.56
CA GLY B 72 27.56 -3.53 15.39
C GLY B 72 28.29 -3.29 16.69
N LEU B 73 29.35 -4.05 16.95
CA LEU B 73 30.07 -3.88 18.20
C LEU B 73 31.52 -3.50 17.97
N ASP B 74 32.19 -3.14 19.07
CA ASP B 74 33.61 -2.75 19.05
C ASP B 74 34.45 -3.96 19.49
N LYS B 75 35.38 -4.37 18.63
CA LYS B 75 36.26 -5.51 18.89
C LYS B 75 37.02 -5.36 20.21
N MET B 76 36.98 -4.15 20.78
CA MET B 76 37.68 -3.85 22.03
C MET B 76 36.74 -3.52 23.19
N LYS B 77 36.02 -2.39 23.04
CA LYS B 77 35.08 -1.86 24.05
C LYS B 77 33.75 -2.66 24.12
N LYS B 78 33.46 -3.45 23.08
CA LYS B 78 32.24 -4.27 23.01
C LYS B 78 30.96 -3.49 23.28
N THR B 79 30.64 -2.56 22.37
CA THR B 79 29.45 -1.71 22.42
C THR B 79 29.15 -1.16 21.02
N ALA B 80 28.12 -0.31 20.92
CA ALA B 80 27.70 0.31 19.65
C ALA B 80 28.83 1.01 18.91
N CYS B 81 29.32 0.37 17.85
CA CYS B 81 30.44 0.89 17.04
C CYS B 81 30.00 1.93 16.00
N GLY B 82 28.70 1.94 15.67
CA GLY B 82 28.19 2.88 14.66
C GLY B 82 27.54 2.25 13.42
N PHE B 83 27.06 1.02 13.52
CA PHE B 83 26.40 0.32 12.40
C PHE B 83 25.59 -0.92 12.84
N CYS B 84 25.24 -1.74 11.86
CA CYS B 84 24.49 -2.98 12.09
C CYS B 84 24.03 -3.60 10.77
N PHE B 85 23.52 -4.82 10.85
CA PHE B 85 23.06 -5.58 9.69
C PHE B 85 21.58 -5.93 9.88
N VAL B 86 20.81 -5.73 8.82
CA VAL B 86 19.37 -6.00 8.83
C VAL B 86 18.98 -7.06 7.79
N GLU B 87 18.55 -8.22 8.29
CA GLU B 87 18.14 -9.30 7.42
C GLU B 87 16.62 -9.44 7.37
N TYR B 88 16.08 -9.24 6.16
CA TYR B 88 14.65 -9.35 5.87
C TYR B 88 14.43 -10.77 5.43
N TYR B 89 13.15 -11.14 5.29
CA TYR B 89 12.80 -12.48 4.86
C TYR B 89 12.85 -12.73 3.35
N SER B 90 12.61 -11.69 2.57
CA SER B 90 12.65 -11.82 1.12
C SER B 90 13.22 -10.54 0.55
N ARG B 91 13.86 -10.65 -0.61
CA ARG B 91 14.50 -9.49 -1.26
C ARG B 91 13.52 -8.34 -1.47
N ALA B 92 12.28 -8.70 -1.79
CA ALA B 92 11.21 -7.73 -2.02
C ALA B 92 11.25 -6.59 -0.99
N ASP B 93 11.03 -6.95 0.26
CA ASP B 93 11.04 -5.98 1.35
C ASP B 93 12.42 -5.36 1.44
N ALA B 94 13.45 -6.13 1.12
CA ALA B 94 14.81 -5.61 1.23
C ALA B 94 15.07 -4.47 0.30
N GLU B 95 14.62 -4.61 -0.93
CA GLU B 95 14.84 -3.57 -1.92
C GLU B 95 14.14 -2.29 -1.49
N ASN B 96 12.92 -2.42 -0.95
CA ASN B 96 12.16 -1.25 -0.50
C ASN B 96 12.93 -0.39 0.49
N ALA B 97 13.39 -1.01 1.57
CA ALA B 97 14.13 -0.31 2.62
C ALA B 97 15.34 0.38 1.98
N MET B 98 15.82 -0.26 0.92
CA MET B 98 16.98 0.22 0.20
C MET B 98 16.55 1.34 -0.72
N ARG B 99 15.28 1.25 -1.11
CA ARG B 99 14.65 2.21 -2.01
C ARG B 99 14.11 3.42 -1.26
N TYR B 100 13.52 3.18 -0.10
CA TYR B 100 12.93 4.28 0.64
C TYR B 100 13.50 4.67 2.00
N ILE B 101 14.15 3.73 2.66
CA ILE B 101 14.74 3.99 3.99
C ILE B 101 16.17 4.51 3.85
N ASN B 102 16.96 3.89 2.99
CA ASN B 102 18.32 4.39 2.79
C ASN B 102 18.31 5.90 2.60
N GLY B 103 19.17 6.63 3.29
CA GLY B 103 19.22 8.07 3.13
C GLY B 103 18.25 8.91 3.96
N THR B 104 17.37 8.26 4.72
CA THR B 104 16.43 8.97 5.57
C THR B 104 17.08 9.10 6.92
N ARG B 105 16.37 9.69 7.87
CA ARG B 105 16.93 9.89 9.20
C ARG B 105 16.49 8.89 10.27
N LEU B 106 17.45 8.58 11.14
CA LEU B 106 17.25 7.70 12.28
C LEU B 106 17.95 8.40 13.44
N ASP B 107 17.24 8.57 14.54
CA ASP B 107 17.78 9.27 15.68
C ASP B 107 18.46 10.52 15.20
N ASP B 108 17.68 11.31 14.47
CA ASP B 108 18.12 12.60 13.93
C ASP B 108 19.40 12.64 13.08
N ARG B 109 19.63 11.61 12.26
CA ARG B 109 20.78 11.57 11.36
C ARG B 109 20.57 10.70 10.11
N ILE B 110 21.23 11.08 9.03
CA ILE B 110 21.11 10.39 7.75
C ILE B 110 21.85 9.06 7.77
N ILE B 111 21.09 7.96 7.63
CA ILE B 111 21.69 6.64 7.62
C ILE B 111 21.82 6.12 6.18
N ARG B 112 23.02 5.68 5.83
CA ARG B 112 23.29 5.13 4.50
C ARG B 112 23.33 3.60 4.55
N THR B 113 22.53 2.96 3.69
CA THR B 113 22.47 1.51 3.66
C THR B 113 23.04 0.99 2.37
N ASP B 114 23.62 -0.21 2.43
CA ASP B 114 24.19 -0.84 1.27
C ASP B 114 23.93 -2.36 1.28
N TRP B 115 24.05 -2.99 0.12
CA TRP B 115 23.84 -4.43 -0.04
C TRP B 115 25.02 -5.21 0.54
N ASP B 116 24.72 -6.29 1.27
CA ASP B 116 25.77 -7.12 1.88
C ASP B 116 25.58 -8.59 1.59
N ALA B 117 26.66 -9.22 1.09
CA ALA B 117 26.70 -10.62 0.72
C ALA B 117 26.06 -11.54 1.75
N GLY B 118 26.28 -11.21 3.01
CA GLY B 118 25.72 -12.02 4.05
C GLY B 118 26.47 -11.87 5.35
N PHE B 119 25.76 -12.16 6.44
CA PHE B 119 26.34 -12.05 7.78
C PHE B 119 27.04 -13.35 8.19
N LYS B 120 28.29 -13.20 8.63
CA LYS B 120 29.08 -14.32 9.12
C LYS B 120 29.45 -13.92 10.53
N GLU B 121 29.77 -14.89 11.37
CA GLU B 121 30.13 -14.60 12.74
C GLU B 121 31.50 -13.90 12.74
N GLY B 122 31.62 -12.82 13.50
CA GLY B 122 32.88 -12.09 13.56
C GLY B 122 32.83 -10.82 12.73
N ARG B 123 31.72 -10.64 12.03
CA ARG B 123 31.52 -9.48 11.19
C ARG B 123 30.96 -8.30 11.99
N GLN B 124 30.57 -8.55 13.24
CA GLN B 124 30.00 -7.49 14.09
C GLN B 124 31.00 -6.81 14.99
N TYR B 125 32.26 -6.88 14.60
CA TYR B 125 33.33 -6.28 15.38
C TYR B 125 34.10 -5.30 14.51
N GLY B 126 34.18 -4.04 14.97
CA GLY B 126 34.87 -3.01 14.23
C GLY B 126 36.34 -3.29 13.92
C1 GOL C . 16.58 -15.60 13.64
O1 GOL C . 18.14 -15.57 14.11
C2 GOL C . 15.92 -16.62 12.93
O2 GOL C . 16.78 -17.43 12.25
C3 GOL C . 14.71 -16.50 13.06
O3 GOL C . 13.37 -15.88 13.59
C1 GOL D . 19.68 13.39 -23.33
O1 GOL D . 20.48 12.06 -22.97
C2 GOL D . 20.20 14.56 -23.84
O2 GOL D . 21.25 15.03 -23.11
C3 GOL D . 19.57 14.86 -24.84
O3 GOL D . 18.51 14.81 -25.97
C1 GOL E . 5.09 -3.85 3.99
O1 GOL E . 6.08 -3.97 2.77
C2 GOL E . 4.25 -4.80 4.41
O2 GOL E . 4.29 -5.91 3.61
C3 GOL E . 3.68 -4.41 5.42
O3 GOL E . 3.14 -3.54 6.62
C1 GOL F . 6.95 19.90 8.40
O1 GOL F . 6.57 19.06 9.71
C2 GOL F . 6.54 19.69 7.09
O2 GOL F . 5.22 19.31 7.00
C3 GOL F . 7.48 19.88 6.37
O3 GOL F . 8.92 20.24 5.88
C1 GOL G . 6.15 -3.40 14.22
O1 GOL G . 5.49 -4.81 14.70
C2 GOL G . 7.20 -2.68 14.89
O2 GOL G . 6.70 -1.57 15.46
C3 GOL G . 8.22 -3.29 14.76
O3 GOL G . 9.19 -4.43 14.32
C1 GOL H . 33.10 -7.83 0.13
O1 GOL H . 34.60 -7.60 -0.36
C2 GOL H . 32.33 -7.04 0.89
O2 GOL H . 32.48 -7.26 2.25
C3 GOL H . 31.71 -6.29 0.15
O3 GOL H . 31.26 -5.71 -1.23
C1 GOL I . 31.28 -4.05 27.94
O1 GOL I . 31.47 -2.49 27.54
C2 GOL I . 32.27 -4.96 28.52
O2 GOL I . 33.51 -4.53 28.26
C3 GOL I . 31.67 -5.91 29.05
O3 GOL I . 30.47 -6.82 29.58
#